data_6WF2
#
_entry.id   6WF2
#
_cell.length_a   76.647
_cell.length_b   113.981
_cell.length_c   140.971
_cell.angle_alpha   90.00
_cell.angle_beta   90.00
_cell.angle_gamma   90.00
#
_symmetry.space_group_name_H-M   'P 21 21 21'
#
loop_
_entity.id
_entity.type
_entity.pdbx_description
1 polymer 'Acyl-CoA desaturase 1'
2 non-polymer 'FE (III) ION'
3 non-polymer 'S-{(3R,5R,9R)-1-[(2R,3S,4R,5R)-5-(6-amino-9H-purin-9-yl)-4-hydroxy-3-(phosphonooxy)tetrahydrofuran-2-yl]-3,5,9-trihydroxy-8,8-dimethyl-3,5-dioxido-10,14-dioxo-2,4,6-trioxa-11,15-diaza-3lambda~5~,5lambda~5~-diphosphaheptadecan-17-yl} (9Z)-octadec-9-enethioate (non-preferred name)'
#
_entity_poly.entity_id   1
_entity_poly.type   'polypeptide(L)'
_entity_poly.pdbx_seq_one_letter_code
;MSGNEREKVKTVPLHLEEDIRPEMKEDIHDPTYQDEEGPPPKLEYVWRNIILMVLLHLGGLYGIILVPSCKLYTCLFGIF
YYMTSALGITAGAHRLWSHRTYKARLPLRIFLIIANTMAFQNDVYEWARDHRAHHKFSETHADPHNSRRGFFFSHVGWLL
VRKHPAVKEKGGKLDMSDLKAEKLVMFQRRYYKPGLLLMCFILPTLVPWYCWGETFVNSLFVSTFLRYTLVLNATWLVNS
AAHLYGYRPYDKNIQSRENILVSLGAVGEGFHNYHHTFPFDYSASEYRWHINFTTFFIDCMAALGLAYDRKKVSKATVLA
RIKRTGDGSHKSSENLYFQ
;
_entity_poly.pdbx_strand_id   A,B
#
loop_
_chem_comp.id
_chem_comp.type
_chem_comp.name
_chem_comp.formula
3VV non-polymer 'S-{(3R,5R,9R)-1-[(2R,3S,4R,5R)-5-(6-amino-9H-purin-9-yl)-4-hydroxy-3-(phosphonooxy)tetrahydrofuran-2-yl]-3,5,9-trihydroxy-8,8-dimethyl-3,5-dioxido-10,14-dioxo-2,4,6-trioxa-11,15-diaza-3lambda~5~,5lambda~5~-diphosphaheptadecan-17-yl} (9Z)-octadec-9-enethioate (non-preferred name)' 'C39 H68 N7 O17 P3 S'
FE non-polymer 'FE (III) ION' 'Fe 3'
#
# COMPACT_ATOMS: atom_id res chain seq x y z
N ASP A 19 11.58 0.98 26.58
CA ASP A 19 12.18 -0.32 26.87
C ASP A 19 11.11 -1.39 26.80
N ILE A 20 10.76 -1.79 25.57
CA ILE A 20 9.66 -2.71 25.33
C ILE A 20 10.12 -4.16 25.39
N ARG A 21 11.42 -4.40 25.42
CA ARG A 21 11.98 -5.76 25.34
C ARG A 21 13.30 -5.75 26.08
N PRO A 22 13.26 -5.83 27.42
CA PRO A 22 14.47 -6.07 28.21
C PRO A 22 14.79 -7.55 28.33
N GLU A 23 13.97 -8.39 27.68
CA GLU A 23 14.24 -9.81 27.51
C GLU A 23 15.70 -10.07 27.11
N MET A 24 16.17 -9.39 26.06
CA MET A 24 17.57 -9.44 25.70
C MET A 24 18.00 -8.10 25.10
N LYS A 25 19.32 -7.90 25.04
CA LYS A 25 19.90 -6.59 24.77
C LYS A 25 21.16 -6.65 23.90
N GLU A 26 21.51 -7.82 23.36
CA GLU A 26 22.72 -8.01 22.56
C GLU A 26 22.56 -7.59 21.10
N ASP A 27 21.56 -6.78 20.76
CA ASP A 27 21.44 -6.22 19.41
C ASP A 27 21.26 -4.71 19.43
N ILE A 28 21.45 -4.07 20.58
CA ILE A 28 21.38 -2.62 20.68
C ILE A 28 22.72 -2.03 20.27
N HIS A 29 22.67 -0.97 19.46
CA HIS A 29 23.91 -0.41 18.91
C HIS A 29 24.78 0.11 20.03
N ASP A 30 26.04 -0.33 20.05
CA ASP A 30 27.01 0.17 21.01
C ASP A 30 27.85 1.24 20.32
N PRO A 31 27.65 2.52 20.59
CA PRO A 31 28.44 3.55 19.91
C PRO A 31 29.83 3.72 20.49
N THR A 32 30.11 3.17 21.67
CA THR A 32 31.44 3.31 22.25
C THR A 32 32.48 2.50 21.46
N TYR A 33 32.05 1.43 20.81
CA TYR A 33 32.97 0.64 20.00
C TYR A 33 33.30 1.39 18.70
N GLN A 34 34.58 1.46 18.38
CA GLN A 34 35.04 1.94 17.10
C GLN A 34 36.27 1.15 16.71
N ASP A 35 36.66 1.27 15.43
CA ASP A 35 37.82 0.55 14.90
C ASP A 35 39.09 1.26 15.37
N GLU A 36 39.87 0.60 16.24
CA GLU A 36 41.04 1.22 16.85
C GLU A 36 42.14 0.18 17.10
N GLU A 37 42.36 -0.73 16.16
CA GLU A 37 43.36 -1.77 16.31
C GLU A 37 44.45 -1.69 15.24
N GLY A 38 44.73 -0.48 14.75
CA GLY A 38 45.72 -0.32 13.72
C GLY A 38 45.19 -0.71 12.35
N PRO A 39 46.07 -0.75 11.36
CA PRO A 39 45.63 -1.01 9.97
C PRO A 39 44.93 -2.35 9.85
N PRO A 40 43.89 -2.43 9.04
CA PRO A 40 43.17 -3.71 8.86
C PRO A 40 44.02 -4.71 8.11
N PRO A 41 44.14 -5.94 8.61
CA PRO A 41 44.87 -6.97 7.87
C PRO A 41 44.24 -7.21 6.51
N LYS A 42 45.07 -7.68 5.58
CA LYS A 42 44.61 -7.91 4.21
C LYS A 42 43.61 -9.06 4.16
N LEU A 43 42.63 -8.94 3.27
CA LEU A 43 41.60 -9.95 3.14
C LEU A 43 42.19 -11.29 2.72
N GLU A 44 41.67 -12.37 3.28
CA GLU A 44 42.17 -13.71 3.03
C GLU A 44 41.13 -14.48 2.22
N TYR A 45 41.42 -14.73 0.95
CA TYR A 45 40.46 -15.38 0.07
C TYR A 45 40.23 -16.83 0.46
N VAL A 46 38.97 -17.26 0.37
CA VAL A 46 38.57 -18.63 0.63
C VAL A 46 38.06 -19.21 -0.67
N TRP A 47 38.87 -20.07 -1.30
CA TRP A 47 38.67 -20.41 -2.70
C TRP A 47 37.56 -21.44 -2.91
N ARG A 48 37.27 -22.26 -1.90
CA ARG A 48 36.10 -23.14 -1.99
C ARG A 48 34.84 -22.35 -2.32
N ASN A 49 34.61 -21.26 -1.57
CA ASN A 49 33.37 -20.49 -1.70
C ASN A 49 33.31 -19.75 -3.03
N ILE A 50 34.43 -19.20 -3.49
CA ILE A 50 34.46 -18.37 -4.70
C ILE A 50 33.94 -19.16 -5.90
N ILE A 51 34.37 -20.41 -6.05
CA ILE A 51 33.97 -21.18 -7.21
C ILE A 51 32.50 -21.55 -7.13
N LEU A 52 32.03 -21.95 -5.94
CA LEU A 52 30.63 -22.31 -5.77
C LEU A 52 29.72 -21.10 -6.03
N MET A 53 30.05 -19.96 -5.43
CA MET A 53 29.26 -18.76 -5.66
C MET A 53 29.28 -18.33 -7.12
N VAL A 54 30.42 -18.51 -7.79
CA VAL A 54 30.48 -18.30 -9.23
C VAL A 54 29.52 -19.24 -9.94
N LEU A 55 29.72 -20.54 -9.77
CA LEU A 55 28.90 -21.55 -10.44
C LEU A 55 27.41 -21.32 -10.15
N LEU A 56 27.08 -21.06 -8.88
CA LEU A 56 25.68 -20.81 -8.53
C LEU A 56 25.09 -19.69 -9.37
N HIS A 57 25.75 -18.53 -9.40
CA HIS A 57 25.21 -17.41 -10.16
C HIS A 57 25.29 -17.66 -11.66
N LEU A 58 26.20 -18.53 -12.12
CA LEU A 58 26.10 -19.04 -13.48
C LEU A 58 24.86 -19.92 -13.62
N GLY A 59 24.77 -20.97 -12.80
CA GLY A 59 23.60 -21.84 -12.84
C GLY A 59 22.31 -21.10 -12.61
N GLY A 60 22.34 -20.04 -11.80
CA GLY A 60 21.18 -19.17 -11.67
C GLY A 60 20.96 -18.35 -12.93
N LEU A 61 22.04 -17.87 -13.54
CA LEU A 61 21.93 -17.10 -14.77
C LEU A 61 21.44 -17.97 -15.92
N TYR A 62 21.95 -19.20 -16.00
CA TYR A 62 21.50 -20.11 -17.05
C TYR A 62 20.02 -20.46 -16.89
N GLY A 63 19.57 -20.60 -15.64
CA GLY A 63 18.15 -20.83 -15.40
C GLY A 63 17.27 -19.70 -15.88
N ILE A 64 17.81 -18.48 -16.01
CA ILE A 64 17.00 -17.35 -16.45
C ILE A 64 16.63 -17.50 -17.92
N ILE A 65 17.60 -17.86 -18.76
CA ILE A 65 17.29 -18.03 -20.18
C ILE A 65 16.38 -19.24 -20.41
N LEU A 66 16.34 -20.16 -19.45
CA LEU A 66 15.44 -21.31 -19.52
C LEU A 66 14.01 -20.98 -19.10
N VAL A 67 13.82 -19.85 -18.41
CA VAL A 67 12.51 -19.59 -17.78
C VAL A 67 11.37 -19.56 -18.79
N PRO A 68 11.51 -18.96 -19.98
CA PRO A 68 10.38 -19.01 -20.93
C PRO A 68 9.93 -20.41 -21.31
N SER A 69 10.84 -21.40 -21.28
CA SER A 69 10.51 -22.77 -21.64
C SER A 69 10.06 -23.60 -20.45
N CYS A 70 9.55 -22.97 -19.40
CA CYS A 70 9.11 -23.67 -18.19
C CYS A 70 7.59 -23.82 -18.19
N LYS A 71 7.12 -24.96 -17.69
CA LYS A 71 5.70 -25.10 -17.40
C LYS A 71 5.30 -24.06 -16.36
N LEU A 72 4.01 -23.68 -16.40
CA LEU A 72 3.55 -22.61 -15.51
C LEU A 72 3.73 -23.00 -14.05
N TYR A 73 3.40 -24.24 -13.70
CA TYR A 73 3.52 -24.68 -12.32
C TYR A 73 4.95 -24.54 -11.80
N THR A 74 5.94 -24.75 -12.66
CA THR A 74 7.34 -24.61 -12.24
C THR A 74 7.61 -23.19 -11.77
N CYS A 75 7.09 -22.19 -12.48
CA CYS A 75 7.29 -20.80 -12.07
C CYS A 75 6.60 -20.51 -10.75
N LEU A 76 5.31 -20.84 -10.64
CA LEU A 76 4.57 -20.62 -9.41
C LEU A 76 5.24 -21.31 -8.23
N PHE A 77 5.63 -22.58 -8.41
CA PHE A 77 6.34 -23.30 -7.36
C PHE A 77 7.59 -22.54 -6.93
N GLY A 78 8.36 -22.04 -7.89
CA GLY A 78 9.53 -21.25 -7.56
C GLY A 78 9.19 -20.04 -6.71
N ILE A 79 8.13 -19.33 -7.08
CA ILE A 79 7.75 -18.13 -6.33
C ILE A 79 7.33 -18.50 -4.91
N PHE A 80 6.42 -19.47 -4.78
CA PHE A 80 6.05 -19.98 -3.45
C PHE A 80 7.30 -20.36 -2.65
N TYR A 81 8.22 -21.07 -3.29
CA TYR A 81 9.44 -21.49 -2.59
C TYR A 81 10.29 -20.28 -2.22
N TYR A 82 10.45 -19.34 -3.15
CA TYR A 82 11.07 -18.06 -2.81
C TYR A 82 10.35 -17.39 -1.65
N MET A 83 9.01 -17.44 -1.64
CA MET A 83 8.24 -16.81 -0.57
C MET A 83 8.47 -17.52 0.76
N THR A 84 8.42 -18.85 0.75
CA THR A 84 8.54 -19.60 2.02
C THR A 84 9.93 -19.44 2.60
N SER A 85 10.97 -19.61 1.78
CA SER A 85 12.33 -19.39 2.25
C SER A 85 12.49 -17.96 2.75
N ALA A 86 11.83 -17.01 2.10
CA ALA A 86 11.89 -15.62 2.55
C ALA A 86 11.43 -15.52 4.00
N LEU A 87 10.24 -16.07 4.31
CA LEU A 87 9.71 -16.00 5.67
C LEU A 87 10.64 -16.68 6.68
N GLY A 88 11.20 -17.83 6.29
CA GLY A 88 12.18 -18.53 7.10
C GLY A 88 13.39 -17.72 7.48
N ILE A 89 13.60 -16.58 6.81
CA ILE A 89 14.69 -15.68 7.13
C ILE A 89 14.20 -14.40 7.79
N THR A 90 13.10 -13.82 7.26
CA THR A 90 12.61 -12.54 7.77
C THR A 90 11.85 -12.72 9.08
N ALA A 91 10.77 -13.51 9.05
CA ALA A 91 10.04 -13.78 10.29
C ALA A 91 10.78 -14.77 11.17
N GLY A 92 11.47 -15.72 10.57
CA GLY A 92 12.20 -16.72 11.33
C GLY A 92 13.51 -16.24 11.92
N ALA A 93 14.59 -16.32 11.14
CA ALA A 93 15.92 -16.07 11.68
C ALA A 93 16.08 -14.63 12.14
N HIS A 94 15.51 -13.67 11.40
CA HIS A 94 15.77 -12.27 11.71
C HIS A 94 14.99 -11.80 12.94
N ARG A 95 13.66 -11.81 12.87
CA ARG A 95 12.85 -11.15 13.88
C ARG A 95 12.59 -12.03 15.10
N LEU A 96 12.42 -13.34 14.91
CA LEU A 96 12.12 -14.20 16.05
C LEU A 96 13.37 -14.54 16.85
N TRP A 97 14.43 -15.02 16.19
CA TRP A 97 15.57 -15.57 16.91
C TRP A 97 16.73 -14.60 17.07
N SER A 98 16.98 -13.71 16.11
CA SER A 98 18.07 -12.76 16.30
C SER A 98 17.66 -11.62 17.23
N HIS A 99 16.43 -11.14 17.11
CA HIS A 99 15.99 -9.97 17.85
C HIS A 99 14.96 -10.26 18.93
N ARG A 100 14.34 -11.46 18.94
CA ARG A 100 13.41 -11.85 19.99
C ARG A 100 12.20 -10.91 20.08
N THR A 101 11.81 -10.28 18.97
CA THR A 101 10.75 -9.28 18.96
C THR A 101 9.36 -9.85 19.12
N TYR A 102 9.20 -11.17 19.18
CA TYR A 102 7.92 -11.74 19.59
C TYR A 102 8.17 -13.17 20.07
N LYS A 103 7.09 -13.83 20.45
CA LYS A 103 7.12 -15.20 20.92
C LYS A 103 6.26 -16.06 20.00
N ALA A 104 6.75 -17.25 19.68
CA ALA A 104 6.06 -18.15 18.76
C ALA A 104 5.86 -19.51 19.41
N ARG A 105 4.74 -20.13 19.07
CA ARG A 105 4.43 -21.46 19.56
C ARG A 105 5.12 -22.51 18.69
N LEU A 106 5.11 -23.75 19.17
CA LEU A 106 5.78 -24.86 18.48
C LEU A 106 5.41 -25.01 17.01
N PRO A 107 4.13 -25.01 16.60
CA PRO A 107 3.83 -25.23 15.18
C PRO A 107 4.50 -24.21 14.28
N LEU A 108 4.27 -22.91 14.54
CA LEU A 108 4.87 -21.88 13.71
C LEU A 108 6.39 -21.99 13.69
N ARG A 109 6.99 -22.26 14.85
CA ARG A 109 8.44 -22.39 14.92
C ARG A 109 8.93 -23.58 14.11
N ILE A 110 8.11 -24.61 13.95
CA ILE A 110 8.50 -25.74 13.12
C ILE A 110 8.43 -25.37 11.64
N PHE A 111 7.35 -24.69 11.23
CA PHE A 111 7.28 -24.20 9.86
C PHE A 111 8.43 -23.25 9.55
N LEU A 112 8.76 -22.37 10.51
CA LEU A 112 9.84 -21.42 10.31
C LEU A 112 11.20 -22.12 10.22
N ILE A 113 11.42 -23.11 11.08
CA ILE A 113 12.73 -23.76 11.10
C ILE A 113 12.93 -24.58 9.82
N ILE A 114 11.85 -25.08 9.22
CA ILE A 114 12.00 -25.73 7.91
C ILE A 114 12.22 -24.69 6.83
N ALA A 115 11.38 -23.66 6.79
CA ALA A 115 11.50 -22.63 5.78
C ALA A 115 12.90 -22.01 5.78
N ASN A 116 13.45 -21.78 6.97
CA ASN A 116 14.83 -21.35 7.10
C ASN A 116 15.79 -22.31 6.38
N THR A 117 15.58 -23.61 6.58
CA THR A 117 16.49 -24.59 6.00
C THR A 117 16.37 -24.63 4.47
N MET A 118 15.21 -24.25 3.91
CA MET A 118 15.14 -24.14 2.47
C MET A 118 15.91 -22.94 1.96
N ALA A 119 16.05 -21.90 2.80
CA ALA A 119 16.70 -20.68 2.37
C ALA A 119 18.21 -20.80 2.34
N PHE A 120 18.78 -21.65 3.20
CA PHE A 120 20.21 -21.98 3.20
C PHE A 120 21.07 -20.72 3.34
N GLN A 121 21.08 -20.19 4.56
CA GLN A 121 21.91 -19.05 4.95
C GLN A 121 22.58 -19.35 6.28
N ASN A 122 23.14 -20.56 6.38
CA ASN A 122 23.66 -21.17 7.61
C ASN A 122 22.53 -21.45 8.58
N ASP A 123 22.80 -22.21 9.63
CA ASP A 123 21.77 -22.50 10.62
C ASP A 123 21.42 -21.23 11.39
N VAL A 124 20.47 -21.35 12.31
CA VAL A 124 19.91 -20.18 12.95
C VAL A 124 20.86 -19.62 14.00
N TYR A 125 21.54 -20.50 14.75
CA TYR A 125 22.50 -20.01 15.74
C TYR A 125 23.63 -19.24 15.09
N GLU A 126 24.15 -19.75 13.96
CA GLU A 126 25.20 -19.04 13.25
C GLU A 126 24.67 -17.82 12.51
N TRP A 127 23.39 -17.81 12.15
CA TRP A 127 22.79 -16.64 11.52
C TRP A 127 22.68 -15.49 12.52
N ALA A 128 22.05 -15.75 13.66
CA ALA A 128 21.78 -14.67 14.62
C ALA A 128 23.08 -14.14 15.24
N ARG A 129 24.07 -15.00 15.45
CA ARG A 129 25.34 -14.52 16.00
C ARG A 129 25.98 -13.50 15.06
N ASP A 130 26.00 -13.80 13.76
CA ASP A 130 26.54 -12.85 12.79
C ASP A 130 25.68 -11.59 12.70
N HIS A 131 24.39 -11.72 12.97
CA HIS A 131 23.50 -10.55 12.92
C HIS A 131 23.54 -9.76 14.22
N ARG A 132 23.48 -10.45 15.37
CA ARG A 132 23.57 -9.75 16.65
C ARG A 132 24.84 -8.93 16.73
N ALA A 133 25.91 -9.41 16.10
CA ALA A 133 27.13 -8.62 15.99
C ALA A 133 26.96 -7.48 14.99
N HIS A 134 26.19 -7.73 13.91
CA HIS A 134 25.99 -6.70 12.89
C HIS A 134 25.24 -5.51 13.45
N HIS A 135 24.37 -5.72 14.45
CA HIS A 135 23.65 -4.60 15.04
C HIS A 135 24.50 -3.90 16.10
N LYS A 136 25.00 -4.65 17.07
CA LYS A 136 25.77 -4.05 18.15
C LYS A 136 26.98 -3.29 17.63
N PHE A 137 27.73 -3.91 16.73
CA PHE A 137 29.02 -3.39 16.28
C PHE A 137 28.95 -2.96 14.82
N SER A 138 27.85 -2.32 14.45
CA SER A 138 27.61 -1.98 13.04
C SER A 138 28.70 -1.07 12.50
N GLU A 139 29.03 -1.27 11.23
CA GLU A 139 30.01 -0.46 10.50
C GLU A 139 31.39 -0.48 11.14
N THR A 140 31.70 -1.52 11.90
CA THR A 140 33.02 -1.75 12.45
C THR A 140 33.60 -3.03 11.88
N HIS A 141 34.83 -3.36 12.28
CA HIS A 141 35.43 -4.63 11.87
C HIS A 141 34.80 -5.82 12.57
N ALA A 142 34.10 -5.58 13.68
CA ALA A 142 33.27 -6.60 14.31
C ALA A 142 31.92 -6.75 13.62
N ASP A 143 31.64 -5.97 12.58
CA ASP A 143 30.44 -6.13 11.79
C ASP A 143 30.71 -7.10 10.66
N PRO A 144 30.11 -8.30 10.66
CA PRO A 144 30.50 -9.33 9.68
C PRO A 144 30.27 -8.93 8.22
N HIS A 145 29.41 -7.96 7.94
CA HIS A 145 29.32 -7.38 6.60
C HIS A 145 29.48 -5.86 6.68
N ASN A 146 30.57 -5.42 7.31
CA ASN A 146 30.99 -4.02 7.38
C ASN A 146 30.71 -3.30 6.08
N SER A 147 29.62 -2.52 6.04
CA SER A 147 29.28 -1.77 4.84
C SER A 147 30.42 -0.85 4.43
N ARG A 148 31.14 -0.29 5.41
CA ARG A 148 32.17 0.70 5.09
C ARG A 148 33.34 0.11 4.31
N ARG A 149 33.44 -1.22 4.19
CA ARG A 149 34.45 -1.79 3.31
C ARG A 149 34.09 -1.61 1.84
N GLY A 150 32.81 -1.55 1.53
CA GLY A 150 32.36 -1.34 0.17
C GLY A 150 31.16 -2.22 -0.17
N PHE A 151 30.50 -1.89 -1.28
CA PHE A 151 29.30 -2.60 -1.68
C PHE A 151 29.56 -4.08 -1.91
N PHE A 152 30.59 -4.40 -2.70
CA PHE A 152 30.87 -5.80 -3.02
C PHE A 152 31.09 -6.62 -1.76
N PHE A 153 31.89 -6.10 -0.83
CA PHE A 153 32.21 -6.83 0.39
C PHE A 153 30.93 -7.19 1.16
N SER A 154 30.08 -6.20 1.41
CA SER A 154 28.91 -6.40 2.24
C SER A 154 27.77 -7.11 1.51
N HIS A 155 27.82 -7.17 0.18
CA HIS A 155 26.81 -7.94 -0.55
C HIS A 155 27.13 -9.43 -0.51
N VAL A 156 28.21 -9.83 -1.17
CA VAL A 156 28.61 -11.24 -1.21
C VAL A 156 30.03 -11.46 -0.72
N GLY A 157 30.89 -10.44 -0.75
CA GLY A 157 32.32 -10.65 -0.53
C GLY A 157 32.66 -11.15 0.87
N TRP A 158 31.89 -10.74 1.87
CA TRP A 158 32.18 -11.17 3.23
C TRP A 158 32.12 -12.68 3.38
N LEU A 159 31.33 -13.34 2.52
CA LEU A 159 31.23 -14.80 2.52
C LEU A 159 32.39 -15.49 1.81
N LEU A 160 33.24 -14.74 1.11
CA LEU A 160 34.33 -15.31 0.34
C LEU A 160 35.70 -15.14 0.99
N VAL A 161 35.82 -14.27 2.00
CA VAL A 161 37.07 -14.04 2.70
C VAL A 161 36.88 -14.34 4.18
N ARG A 162 37.99 -14.38 4.91
CA ARG A 162 37.93 -14.66 6.33
C ARG A 162 37.37 -13.47 7.10
N LYS A 163 36.84 -13.77 8.27
CA LYS A 163 36.24 -12.76 9.12
C LYS A 163 37.31 -12.05 9.94
N HIS A 164 37.15 -10.74 10.10
CA HIS A 164 38.05 -9.99 10.97
C HIS A 164 38.05 -10.58 12.37
N PRO A 165 39.19 -10.63 13.06
CA PRO A 165 39.19 -11.13 14.44
C PRO A 165 38.23 -10.40 15.34
N ALA A 166 37.91 -9.13 15.02
CA ALA A 166 36.92 -8.38 15.80
C ALA A 166 35.57 -9.09 15.78
N VAL A 167 35.15 -9.63 14.63
CA VAL A 167 33.89 -10.36 14.56
C VAL A 167 33.90 -11.52 15.54
N LYS A 168 34.93 -12.37 15.46
CA LYS A 168 35.03 -13.51 16.37
C LYS A 168 35.16 -13.04 17.82
N GLU A 169 36.01 -12.05 18.07
CA GLU A 169 36.28 -11.64 19.45
C GLU A 169 35.07 -10.94 20.06
N LYS A 170 34.67 -9.79 19.50
CA LYS A 170 33.54 -9.05 20.05
C LYS A 170 32.27 -9.89 20.02
N GLY A 171 31.92 -10.40 18.84
CA GLY A 171 30.73 -11.22 18.71
C GLY A 171 30.72 -12.42 19.63
N GLY A 172 31.91 -12.96 19.95
CA GLY A 172 31.98 -14.07 20.88
C GLY A 172 31.55 -13.69 22.28
N LYS A 173 31.54 -12.40 22.59
CA LYS A 173 31.11 -11.92 23.90
C LYS A 173 29.61 -11.63 23.96
N LEU A 174 28.88 -11.83 22.87
CA LEU A 174 27.43 -11.66 22.90
C LEU A 174 26.79 -12.88 23.55
N ASP A 175 25.75 -12.63 24.34
CA ASP A 175 25.00 -13.75 24.94
C ASP A 175 24.19 -14.46 23.86
N MET A 176 24.41 -15.77 23.75
CA MET A 176 23.60 -16.63 22.89
C MET A 176 22.90 -17.71 23.71
N SER A 177 22.72 -17.46 25.01
CA SER A 177 22.15 -18.48 25.88
C SER A 177 20.72 -18.83 25.49
N ASP A 178 19.95 -17.83 25.05
CA ASP A 178 18.56 -18.06 24.68
C ASP A 178 18.47 -19.03 23.49
N LEU A 179 19.28 -18.81 22.46
CA LEU A 179 19.25 -19.71 21.31
C LEU A 179 19.89 -21.04 21.64
N LYS A 180 20.92 -21.04 22.50
CA LYS A 180 21.50 -22.28 22.98
C LYS A 180 20.46 -23.13 23.70
N ALA A 181 19.55 -22.47 24.43
CA ALA A 181 18.60 -23.14 25.31
C ALA A 181 17.24 -23.38 24.64
N GLU A 182 17.14 -23.19 23.34
CA GLU A 182 15.96 -23.57 22.58
C GLU A 182 16.24 -24.91 21.90
N LYS A 183 15.40 -25.89 22.17
CA LYS A 183 15.68 -27.23 21.65
C LYS A 183 15.54 -27.30 20.13
N LEU A 184 14.63 -26.52 19.54
CA LEU A 184 14.40 -26.62 18.11
C LEU A 184 15.50 -25.95 17.30
N VAL A 185 16.04 -24.84 17.80
CA VAL A 185 17.16 -24.19 17.10
C VAL A 185 18.39 -25.07 17.14
N MET A 186 18.60 -25.78 18.25
CA MET A 186 19.73 -26.70 18.35
C MET A 186 19.48 -27.98 17.57
N PHE A 187 18.23 -28.39 17.42
CA PHE A 187 17.91 -29.52 16.54
C PHE A 187 18.36 -29.21 15.12
N GLN A 188 18.00 -28.02 14.61
CA GLN A 188 18.47 -27.60 13.30
C GLN A 188 20.00 -27.65 13.22
N ARG A 189 20.68 -27.09 14.22
CA ARG A 189 22.13 -27.04 14.20
C ARG A 189 22.74 -28.43 14.07
N ARG A 190 22.23 -29.40 14.84
CA ARG A 190 22.79 -30.75 14.82
C ARG A 190 22.69 -31.37 13.43
N TYR A 191 21.55 -31.18 12.77
CA TYR A 191 21.24 -31.89 11.53
C TYR A 191 21.10 -30.93 10.35
N TYR A 192 21.85 -29.82 10.36
CA TYR A 192 21.65 -28.80 9.33
C TYR A 192 22.14 -29.26 7.96
N LYS A 193 23.31 -29.90 7.89
CA LYS A 193 23.84 -30.35 6.61
C LYS A 193 22.85 -31.18 5.80
N PRO A 194 22.24 -32.25 6.34
CA PRO A 194 21.26 -32.99 5.54
C PRO A 194 20.00 -32.18 5.26
N GLY A 195 19.65 -31.25 6.14
CA GLY A 195 18.46 -30.45 5.89
C GLY A 195 18.58 -29.58 4.65
N LEU A 196 19.71 -28.86 4.54
CA LEU A 196 19.85 -27.90 3.45
C LEU A 196 19.99 -28.61 2.11
N LEU A 197 20.65 -29.77 2.09
CA LEU A 197 20.73 -30.56 0.87
C LEU A 197 19.34 -30.99 0.42
N LEU A 198 18.50 -31.40 1.37
CA LEU A 198 17.14 -31.80 1.02
C LEU A 198 16.30 -30.59 0.64
N MET A 199 16.33 -29.54 1.45
CA MET A 199 15.33 -28.49 1.31
C MET A 199 15.68 -27.46 0.24
N CYS A 200 16.96 -27.22 0.01
CA CYS A 200 17.35 -26.16 -0.92
C CYS A 200 17.66 -26.66 -2.32
N PHE A 201 18.04 -27.93 -2.48
CA PHE A 201 18.50 -28.40 -3.79
C PHE A 201 17.79 -29.66 -4.27
N ILE A 202 17.60 -30.66 -3.41
CA ILE A 202 16.99 -31.92 -3.82
C ILE A 202 15.49 -31.75 -4.02
N LEU A 203 14.78 -31.34 -2.96
CA LEU A 203 13.33 -31.37 -2.99
C LEU A 203 12.72 -30.39 -3.98
N PRO A 204 13.15 -29.12 -4.04
CA PRO A 204 12.62 -28.22 -5.08
C PRO A 204 13.03 -28.58 -6.50
N THR A 205 13.87 -29.59 -6.69
CA THR A 205 14.14 -30.12 -8.04
C THR A 205 13.25 -31.32 -8.34
N LEU A 206 13.11 -32.24 -7.37
CA LEU A 206 12.35 -33.46 -7.62
C LEU A 206 10.85 -33.19 -7.65
N VAL A 207 10.37 -32.18 -6.92
CA VAL A 207 8.93 -31.89 -6.88
C VAL A 207 8.44 -31.43 -8.26
N PRO A 208 9.03 -30.41 -8.89
CA PRO A 208 8.56 -30.07 -10.24
C PRO A 208 8.78 -31.20 -11.22
N TRP A 209 9.87 -31.94 -11.04
CA TRP A 209 10.23 -33.02 -11.95
C TRP A 209 9.17 -34.11 -11.97
N TYR A 210 8.53 -34.37 -10.82
CA TYR A 210 7.52 -35.41 -10.67
C TYR A 210 6.10 -34.88 -10.76
N CYS A 211 5.79 -33.82 -10.03
CA CYS A 211 4.38 -33.43 -9.84
C CYS A 211 3.74 -32.96 -11.14
N TRP A 212 4.46 -32.16 -11.94
CA TRP A 212 3.94 -31.77 -13.25
C TRP A 212 4.93 -32.06 -14.38
N GLY A 213 5.99 -32.82 -14.12
CA GLY A 213 6.84 -33.30 -15.19
C GLY A 213 7.75 -32.27 -15.81
N GLU A 214 8.17 -31.26 -15.05
CA GLU A 214 9.20 -30.36 -15.54
C GLU A 214 10.50 -31.12 -15.75
N THR A 215 11.16 -30.89 -16.88
CA THR A 215 12.40 -31.60 -17.17
C THR A 215 13.46 -31.27 -16.12
N PHE A 216 14.29 -32.28 -15.83
CA PHE A 216 15.29 -32.15 -14.77
C PHE A 216 16.16 -30.93 -14.97
N VAL A 217 16.51 -30.63 -16.22
CA VAL A 217 17.36 -29.47 -16.50
C VAL A 217 16.67 -28.18 -16.10
N ASN A 218 15.34 -28.12 -16.23
CA ASN A 218 14.62 -26.92 -15.82
C ASN A 218 14.46 -26.84 -14.31
N SER A 219 14.01 -27.94 -13.68
CA SER A 219 13.83 -27.94 -12.23
C SER A 219 15.14 -27.64 -11.52
N LEU A 220 16.25 -28.09 -12.08
CA LEU A 220 17.55 -27.83 -11.44
C LEU A 220 17.96 -26.37 -11.58
N PHE A 221 17.75 -25.78 -12.75
CA PHE A 221 18.28 -24.45 -13.02
C PHE A 221 17.28 -23.33 -12.80
N VAL A 222 15.98 -23.60 -12.88
CA VAL A 222 14.98 -22.57 -12.60
C VAL A 222 14.52 -22.72 -11.16
N SER A 223 13.93 -23.88 -10.84
CA SER A 223 13.34 -24.11 -9.53
C SER A 223 14.36 -24.32 -8.43
N THR A 224 15.66 -24.18 -8.70
CA THR A 224 16.63 -24.38 -7.64
C THR A 224 17.74 -23.34 -7.70
N PHE A 225 18.51 -23.32 -8.78
CA PHE A 225 19.65 -22.41 -8.82
C PHE A 225 19.20 -20.97 -8.94
N LEU A 226 18.32 -20.66 -9.88
CA LEU A 226 17.81 -19.29 -9.98
C LEU A 226 17.05 -18.90 -8.71
N ARG A 227 16.17 -19.79 -8.24
CA ARG A 227 15.39 -19.51 -7.05
C ARG A 227 16.28 -19.23 -5.85
N TYR A 228 17.22 -20.14 -5.59
CA TYR A 228 18.16 -19.93 -4.49
C TYR A 228 19.00 -18.68 -4.71
N THR A 229 19.45 -18.46 -5.95
CA THR A 229 20.20 -17.24 -6.26
C THR A 229 19.36 -16.00 -6.03
N LEU A 230 18.05 -16.09 -6.22
CA LEU A 230 17.21 -14.92 -6.00
C LEU A 230 16.89 -14.72 -4.54
N VAL A 231 16.69 -15.80 -3.77
CA VAL A 231 16.55 -15.65 -2.32
C VAL A 231 17.87 -15.18 -1.71
N LEU A 232 19.00 -15.68 -2.23
CA LEU A 232 20.30 -15.24 -1.73
C LEU A 232 20.52 -13.76 -1.98
N ASN A 233 20.42 -13.34 -3.24
CA ASN A 233 20.72 -11.95 -3.58
C ASN A 233 19.70 -10.98 -2.98
N ALA A 234 18.43 -11.35 -2.96
CA ALA A 234 17.43 -10.50 -2.33
C ALA A 234 17.77 -10.23 -0.88
N THR A 235 18.38 -11.21 -0.20
CA THR A 235 18.80 -11.03 1.18
C THR A 235 20.03 -10.14 1.28
N TRP A 236 21.01 -10.35 0.40
CA TRP A 236 22.24 -9.56 0.44
C TRP A 236 22.00 -8.09 0.12
N LEU A 237 20.88 -7.74 -0.51
CA LEU A 237 20.58 -6.33 -0.75
C LEU A 237 20.28 -5.58 0.54
N VAL A 238 19.94 -6.28 1.63
CA VAL A 238 19.70 -5.61 2.90
C VAL A 238 21.01 -5.19 3.56
N ASN A 239 22.13 -5.80 3.17
CA ASN A 239 23.43 -5.41 3.68
C ASN A 239 24.11 -4.40 2.76
N SER A 240 24.01 -4.62 1.45
CA SER A 240 24.71 -3.76 0.50
C SER A 240 23.93 -2.49 0.23
N ALA A 241 22.78 -2.61 -0.44
CA ALA A 241 22.00 -1.44 -0.86
C ALA A 241 21.45 -0.68 0.34
N ALA A 242 20.88 -1.38 1.32
CA ALA A 242 20.24 -0.73 2.46
C ALA A 242 21.23 -0.02 3.38
N HIS A 243 22.53 -0.21 3.20
CA HIS A 243 23.53 0.52 3.96
C HIS A 243 24.23 1.60 3.14
N LEU A 244 23.63 1.98 1.99
CA LEU A 244 24.18 3.03 1.14
C LEU A 244 23.10 3.92 0.52
N TYR A 245 22.14 3.32 -0.19
CA TYR A 245 21.14 4.07 -0.93
C TYR A 245 19.80 4.07 -0.20
N GLY A 246 19.19 5.27 -0.10
CA GLY A 246 17.88 5.43 0.52
C GLY A 246 17.83 6.67 1.40
N TYR A 247 16.73 6.87 2.13
CA TYR A 247 16.64 7.97 3.06
C TYR A 247 17.05 7.53 4.46
N ARG A 248 17.07 8.47 5.40
CA ARG A 248 17.37 8.17 6.80
C ARG A 248 16.41 8.95 7.70
N PRO A 249 15.09 8.72 7.57
CA PRO A 249 14.13 9.56 8.29
C PRO A 249 14.29 9.48 9.80
N TYR A 250 14.79 8.36 10.33
CA TYR A 250 14.76 8.12 11.76
C TYR A 250 16.09 8.40 12.44
N ASP A 251 17.22 8.06 11.82
CA ASP A 251 18.53 8.38 12.38
C ASP A 251 19.49 8.69 11.24
N LYS A 252 19.87 9.96 11.11
CA LYS A 252 20.87 10.37 10.12
C LYS A 252 22.28 9.92 10.48
N ASN A 253 22.51 9.48 11.71
CA ASN A 253 23.86 9.19 12.21
C ASN A 253 24.35 7.79 11.86
N ILE A 254 23.45 6.89 11.42
CA ILE A 254 23.85 5.54 11.06
C ILE A 254 23.98 5.45 9.54
N GLN A 255 24.19 4.23 9.04
CA GLN A 255 24.31 4.00 7.61
C GLN A 255 23.14 3.23 7.02
N SER A 256 22.21 2.77 7.85
CA SER A 256 21.06 2.04 7.36
C SER A 256 20.06 2.99 6.71
N ARG A 257 19.43 2.52 5.63
CA ARG A 257 18.56 3.37 4.83
C ARG A 257 17.19 2.73 4.63
N GLU A 258 16.25 3.57 4.19
CA GLU A 258 14.91 3.16 3.82
C GLU A 258 14.86 3.08 2.30
N ASN A 259 15.24 1.92 1.76
CA ASN A 259 15.16 1.67 0.33
C ASN A 259 13.92 0.83 0.09
N ILE A 260 13.00 1.36 -0.73
CA ILE A 260 11.71 0.72 -0.88
C ILE A 260 11.83 -0.54 -1.74
N LEU A 261 12.67 -0.50 -2.77
CA LEU A 261 12.89 -1.68 -3.59
C LEU A 261 13.33 -2.88 -2.76
N VAL A 262 14.22 -2.63 -1.77
CA VAL A 262 14.71 -3.73 -0.94
C VAL A 262 13.56 -4.40 -0.20
N SER A 263 12.63 -3.60 0.34
CA SER A 263 11.49 -4.17 1.05
C SER A 263 10.68 -5.08 0.14
N LEU A 264 10.59 -4.73 -1.13
CA LEU A 264 9.81 -5.52 -2.09
C LEU A 264 10.40 -6.91 -2.24
N GLY A 265 11.67 -6.98 -2.66
CA GLY A 265 12.30 -8.27 -2.88
C GLY A 265 12.53 -9.04 -1.59
N ALA A 266 12.84 -8.34 -0.51
CA ALA A 266 13.10 -8.96 0.79
C ALA A 266 11.85 -9.05 1.66
N VAL A 267 10.68 -9.08 1.04
CA VAL A 267 9.36 -9.18 1.68
C VAL A 267 9.27 -8.42 3.00
N GLY A 268 9.75 -7.17 3.03
CA GLY A 268 9.53 -6.26 4.14
C GLY A 268 10.78 -5.75 4.82
N GLU A 269 11.91 -6.44 4.71
CA GLU A 269 13.11 -6.08 5.47
C GLU A 269 13.88 -4.93 4.82
N GLY A 270 13.20 -4.05 4.11
CA GLY A 270 13.86 -2.93 3.45
C GLY A 270 13.87 -1.63 4.22
N PHE A 271 13.23 -1.59 5.39
CA PHE A 271 13.18 -0.38 6.20
C PHE A 271 14.31 -0.38 7.22
N HIS A 272 15.52 -0.62 6.69
CA HIS A 272 16.68 -0.92 7.53
C HIS A 272 17.03 0.23 8.46
N ASN A 273 16.72 1.47 8.06
CA ASN A 273 17.02 2.61 8.93
C ASN A 273 16.14 2.59 10.17
N TYR A 274 14.82 2.42 9.99
CA TYR A 274 13.96 2.14 11.13
C TYR A 274 14.47 0.95 11.92
N HIS A 275 14.72 -0.16 11.23
CA HIS A 275 15.03 -1.40 11.92
C HIS A 275 16.33 -1.30 12.70
N HIS A 276 17.35 -0.64 12.16
CA HIS A 276 18.59 -0.51 12.90
C HIS A 276 18.41 0.39 14.11
N THR A 277 17.50 1.37 14.02
CA THR A 277 17.19 2.22 15.17
C THR A 277 16.36 1.47 16.20
N PHE A 278 15.39 0.68 15.75
CA PHE A 278 14.43 0.01 16.62
C PHE A 278 14.52 -1.50 16.43
N PRO A 279 15.68 -2.10 16.69
CA PRO A 279 15.88 -3.52 16.34
C PRO A 279 14.99 -4.46 17.14
N PHE A 280 14.17 -3.93 18.03
CA PHE A 280 13.22 -4.70 18.82
C PHE A 280 11.80 -4.61 18.30
N ASP A 281 11.55 -3.74 17.32
CA ASP A 281 10.22 -3.67 16.72
C ASP A 281 10.02 -4.89 15.83
N TYR A 282 8.93 -5.62 16.08
CA TYR A 282 8.62 -6.84 15.32
C TYR A 282 8.30 -6.56 13.87
N SER A 283 8.00 -5.31 13.51
CA SER A 283 7.64 -4.97 12.15
C SER A 283 8.84 -4.61 11.29
N ALA A 284 10.00 -4.34 11.90
CA ALA A 284 11.17 -3.81 11.19
C ALA A 284 10.82 -2.56 10.40
N SER A 285 9.78 -1.84 10.81
CA SER A 285 9.29 -0.68 10.10
C SER A 285 8.28 0.06 10.97
N GLU A 286 8.07 1.33 10.62
CA GLU A 286 7.08 2.15 11.30
C GLU A 286 5.66 1.72 10.98
N TYR A 287 5.41 1.25 9.76
CA TYR A 287 4.09 0.86 9.30
C TYR A 287 4.02 -0.66 9.21
N ARG A 288 2.94 -1.24 9.73
CA ARG A 288 2.92 -2.68 9.94
C ARG A 288 2.76 -3.45 8.63
N TRP A 289 1.85 -3.02 7.75
CA TRP A 289 1.59 -3.77 6.54
C TRP A 289 2.09 -3.09 5.27
N HIS A 290 2.88 -2.02 5.39
CA HIS A 290 3.31 -1.26 4.22
C HIS A 290 4.54 -1.92 3.62
N ILE A 291 4.36 -2.56 2.46
CA ILE A 291 5.42 -3.24 1.73
C ILE A 291 6.15 -4.20 2.67
N ASN A 292 5.46 -4.66 3.70
CA ASN A 292 6.03 -5.56 4.70
C ASN A 292 5.17 -6.81 4.76
N PHE A 293 5.29 -7.67 3.75
CA PHE A 293 4.56 -8.94 3.74
C PHE A 293 4.91 -9.79 4.94
N THR A 294 6.13 -9.64 5.47
CA THR A 294 6.56 -10.44 6.61
C THR A 294 5.71 -10.12 7.84
N THR A 295 5.59 -8.83 8.18
CA THR A 295 4.74 -8.45 9.30
C THR A 295 3.32 -8.92 9.08
N PHE A 296 2.81 -8.79 7.86
CA PHE A 296 1.48 -9.32 7.55
C PHE A 296 1.38 -10.78 7.92
N PHE A 297 2.34 -11.59 7.45
CA PHE A 297 2.38 -13.01 7.83
C PHE A 297 2.43 -13.17 9.34
N ILE A 298 3.37 -12.49 10.01
CA ILE A 298 3.46 -12.57 11.47
C ILE A 298 2.14 -12.19 12.11
N ASP A 299 1.42 -11.24 11.52
CA ASP A 299 0.15 -10.82 12.10
C ASP A 299 -0.95 -11.86 11.86
N CYS A 300 -0.80 -12.73 10.85
CA CYS A 300 -1.76 -13.79 10.61
C CYS A 300 -1.58 -14.93 11.61
N MET A 301 -0.33 -15.36 11.81
CA MET A 301 -0.02 -16.31 12.87
C MET A 301 -0.53 -15.80 14.22
N ALA A 302 -0.36 -14.49 14.47
CA ALA A 302 -0.96 -13.89 15.65
C ALA A 302 -2.45 -14.16 15.70
N ALA A 303 -3.14 -13.92 14.58
CA ALA A 303 -4.58 -14.11 14.55
C ALA A 303 -4.95 -15.56 14.84
N LEU A 304 -4.13 -16.51 14.35
CA LEU A 304 -4.37 -17.93 14.56
C LEU A 304 -3.87 -18.43 15.92
N GLY A 305 -3.35 -17.55 16.78
CA GLY A 305 -2.94 -17.94 18.11
C GLY A 305 -1.59 -18.61 18.21
N LEU A 306 -0.78 -18.56 17.16
CA LEU A 306 0.56 -19.15 17.17
C LEU A 306 1.66 -18.13 17.42
N ALA A 307 1.35 -16.83 17.38
CA ALA A 307 2.32 -15.80 17.73
C ALA A 307 1.63 -14.77 18.61
N TYR A 308 2.34 -14.29 19.63
CA TYR A 308 1.83 -13.25 20.50
C TYR A 308 3.01 -12.39 20.93
N ASP A 309 2.74 -11.38 21.76
CA ASP A 309 3.79 -10.51 22.28
C ASP A 309 4.54 -9.82 21.15
N ARG A 310 3.80 -9.34 20.15
CA ARG A 310 4.39 -8.63 19.03
C ARG A 310 4.77 -7.23 19.49
N LYS A 311 6.07 -7.01 19.65
CA LYS A 311 6.60 -5.79 20.28
C LYS A 311 6.81 -4.72 19.23
N LYS A 312 5.92 -3.74 19.21
CA LYS A 312 5.99 -2.60 18.32
C LYS A 312 6.28 -1.35 19.15
N VAL A 313 6.91 -0.34 18.51
CA VAL A 313 7.39 0.85 19.21
C VAL A 313 6.34 1.94 19.15
N SER A 314 6.13 2.64 20.27
CA SER A 314 5.09 3.65 20.38
C SER A 314 5.34 4.83 19.44
N LYS A 315 4.25 5.45 19.00
CA LYS A 315 4.35 6.56 18.05
C LYS A 315 5.06 7.76 18.67
N ALA A 316 4.92 7.96 19.98
CA ALA A 316 5.60 9.06 20.65
C ALA A 316 7.11 8.86 20.61
N THR A 317 7.58 7.64 20.96
CA THR A 317 9.01 7.35 20.95
C THR A 317 9.59 7.49 19.54
N VAL A 318 8.85 7.07 18.52
CA VAL A 318 9.33 7.19 17.15
C VAL A 318 9.39 8.65 16.74
N LEU A 319 8.30 9.40 16.94
CA LEU A 319 8.26 10.79 16.52
C LEU A 319 9.34 11.61 17.22
N ALA A 320 9.48 11.43 18.54
CA ALA A 320 10.53 12.14 19.27
C ALA A 320 11.91 11.76 18.77
N ARG A 321 12.07 10.52 18.30
CA ARG A 321 13.35 10.09 17.73
C ARG A 321 13.57 10.70 16.34
N ILE A 322 12.50 10.84 15.56
CA ILE A 322 12.63 11.54 14.28
C ILE A 322 13.03 12.98 14.50
N LYS A 323 12.38 13.64 15.47
CA LYS A 323 12.71 15.03 15.80
C LYS A 323 14.18 15.18 16.19
N ARG A 324 14.70 14.24 16.97
CA ARG A 324 16.07 14.31 17.45
C ARG A 324 17.09 14.05 16.34
N THR A 325 17.27 12.79 15.96
CA THR A 325 18.35 12.38 15.08
C THR A 325 17.90 12.09 13.65
N GLY A 326 16.64 12.42 13.30
CA GLY A 326 16.19 12.21 11.94
C GLY A 326 16.73 13.23 10.97
N ASP A 327 16.80 12.84 9.70
CA ASP A 327 17.24 13.74 8.64
C ASP A 327 16.10 14.54 8.03
N GLY A 328 14.87 14.34 8.48
CA GLY A 328 13.77 15.18 8.08
C GLY A 328 13.10 14.82 6.77
N SER A 329 13.36 13.64 6.21
CA SER A 329 12.60 13.18 5.06
C SER A 329 11.27 12.57 5.46
N HIS A 330 11.07 12.29 6.76
CA HIS A 330 9.85 11.65 7.21
C HIS A 330 8.62 12.49 6.93
N LYS A 331 8.76 13.82 6.89
CA LYS A 331 7.60 14.69 6.77
C LYS A 331 7.06 14.67 5.35
N SER A 332 7.38 13.62 4.60
CA SER A 332 6.67 13.26 3.39
C SER A 332 6.00 11.90 3.53
N SER A 333 6.02 11.33 4.73
CA SER A 333 5.26 10.12 5.04
C SER A 333 4.42 10.27 6.30
N GLU A 334 4.50 11.43 6.97
CA GLU A 334 3.78 11.70 8.21
C GLU A 334 2.30 11.39 8.10
N ASN A 335 1.85 10.37 8.82
CA ASN A 335 0.44 9.96 8.84
C ASN A 335 -0.07 9.69 7.42
N LEU A 336 0.39 8.57 6.87
CA LEU A 336 -0.21 8.01 5.67
C LEU A 336 -0.82 6.63 5.88
N TYR A 337 -0.49 5.96 6.98
CA TYR A 337 -1.20 4.76 7.41
C TYR A 337 -1.42 4.86 8.90
N PHE A 338 -2.49 4.23 9.38
CA PHE A 338 -2.74 4.21 10.82
C PHE A 338 -1.62 3.47 11.55
N GLN A 339 -1.18 2.34 11.00
CA GLN A 339 -0.10 1.55 11.59
C GLN A 339 0.88 1.08 10.52
N ASP B 19 -5.93 28.26 7.70
CA ASP B 19 -5.95 28.64 6.29
C ASP B 19 -4.75 28.07 5.54
N ILE B 20 -4.93 26.90 4.94
CA ILE B 20 -3.93 26.32 4.06
C ILE B 20 -4.36 26.37 2.59
N ARG B 21 -5.64 26.60 2.31
CA ARG B 21 -6.12 26.79 0.94
C ARG B 21 -7.10 27.96 0.92
N PRO B 22 -6.61 29.18 1.15
CA PRO B 22 -7.48 30.35 1.03
C PRO B 22 -7.64 30.85 -0.40
N GLU B 23 -6.90 30.25 -1.35
CA GLU B 23 -7.04 30.62 -2.75
C GLU B 23 -8.47 30.35 -3.26
N MET B 24 -9.16 29.39 -2.65
CA MET B 24 -10.48 28.93 -3.06
C MET B 24 -11.34 28.72 -1.83
N LYS B 25 -12.59 29.21 -1.88
CA LYS B 25 -13.47 29.08 -0.71
C LYS B 25 -14.93 28.89 -1.10
N GLU B 26 -15.21 28.36 -2.28
CA GLU B 26 -16.58 28.07 -2.68
C GLU B 26 -17.12 26.79 -2.05
N ASP B 27 -16.30 26.05 -1.32
CA ASP B 27 -16.68 24.76 -0.76
C ASP B 27 -16.55 24.75 0.76
N ILE B 28 -16.85 25.88 1.40
CA ILE B 28 -16.72 26.02 2.85
C ILE B 28 -18.11 26.16 3.45
N HIS B 29 -18.46 25.24 4.35
CA HIS B 29 -19.80 25.14 4.93
C HIS B 29 -20.28 26.47 5.47
N ASP B 30 -21.31 27.05 4.86
CA ASP B 30 -21.88 28.32 5.33
C ASP B 30 -22.99 28.03 6.34
N PRO B 31 -22.72 28.19 7.63
CA PRO B 31 -23.75 27.93 8.65
C PRO B 31 -24.75 29.07 8.83
N THR B 32 -24.55 30.20 8.15
CA THR B 32 -25.52 31.29 8.23
C THR B 32 -26.72 31.02 7.33
N TYR B 33 -26.51 30.43 6.15
CA TYR B 33 -27.64 30.04 5.34
C TYR B 33 -28.39 28.91 6.02
N GLN B 34 -29.64 29.15 6.36
CA GLN B 34 -30.52 28.13 6.90
C GLN B 34 -31.69 27.91 5.94
N ASP B 35 -32.37 26.78 6.14
CA ASP B 35 -33.57 26.50 5.36
C ASP B 35 -34.59 27.60 5.55
N GLU B 36 -35.05 28.17 4.42
CA GLU B 36 -36.15 29.10 4.42
C GLU B 36 -37.36 28.48 5.12
N GLU B 37 -38.18 29.34 5.71
CA GLU B 37 -39.02 28.90 6.82
C GLU B 37 -40.28 28.17 6.37
N GLY B 38 -40.76 28.41 5.15
CA GLY B 38 -41.97 27.81 4.70
C GLY B 38 -41.84 26.31 4.52
N PRO B 39 -42.94 25.65 4.18
CA PRO B 39 -42.86 24.24 3.83
C PRO B 39 -42.15 24.07 2.50
N PRO B 40 -41.52 22.92 2.25
CA PRO B 40 -40.76 22.74 1.00
C PRO B 40 -41.70 22.53 -0.18
N PRO B 41 -41.35 23.07 -1.36
CA PRO B 41 -42.18 22.84 -2.54
C PRO B 41 -42.26 21.35 -2.86
N LYS B 42 -43.46 20.91 -3.22
CA LYS B 42 -43.67 19.49 -3.46
C LYS B 42 -42.84 19.01 -4.65
N LEU B 43 -42.51 17.73 -4.63
CA LEU B 43 -41.56 17.19 -5.60
C LEU B 43 -42.23 17.00 -6.95
N GLU B 44 -41.51 17.39 -7.99
CA GLU B 44 -41.96 17.23 -9.37
C GLU B 44 -41.14 16.13 -10.02
N TYR B 45 -41.77 14.97 -10.22
CA TYR B 45 -41.11 13.86 -10.90
C TYR B 45 -40.63 14.28 -12.28
N VAL B 46 -39.53 13.66 -12.72
CA VAL B 46 -38.99 13.85 -14.07
C VAL B 46 -39.00 12.47 -14.71
N TRP B 47 -40.03 12.18 -15.51
CA TRP B 47 -40.28 10.82 -15.97
C TRP B 47 -39.35 10.39 -17.09
N ARG B 48 -38.67 11.34 -17.75
CA ARG B 48 -37.61 10.98 -18.67
C ARG B 48 -36.49 10.24 -17.95
N ASN B 49 -36.21 10.65 -16.71
CA ASN B 49 -35.09 10.07 -15.96
C ASN B 49 -35.50 8.78 -15.26
N ILE B 50 -36.72 8.72 -14.72
CA ILE B 50 -37.18 7.57 -13.96
C ILE B 50 -37.08 6.31 -14.80
N ILE B 51 -37.86 6.26 -15.88
CA ILE B 51 -37.89 5.12 -16.79
C ILE B 51 -36.47 4.67 -17.10
N LEU B 52 -35.64 5.60 -17.56
CA LEU B 52 -34.26 5.29 -17.92
C LEU B 52 -33.51 4.68 -16.75
N MET B 53 -33.66 5.27 -15.56
CA MET B 53 -32.95 4.76 -14.39
C MET B 53 -33.37 3.34 -14.05
N VAL B 54 -34.67 3.05 -14.14
CA VAL B 54 -35.14 1.69 -13.87
C VAL B 54 -34.53 0.72 -14.88
N LEU B 55 -34.57 1.09 -16.17
CA LEU B 55 -33.95 0.24 -17.19
C LEU B 55 -32.48 -0.02 -16.87
N LEU B 56 -31.73 1.04 -16.53
CA LEU B 56 -30.30 0.89 -16.30
C LEU B 56 -30.02 -0.10 -15.17
N HIS B 57 -30.86 -0.12 -14.13
CA HIS B 57 -30.65 -1.06 -13.05
C HIS B 57 -31.19 -2.45 -13.38
N LEU B 58 -32.29 -2.54 -14.13
CA LEU B 58 -32.70 -3.83 -14.66
C LEU B 58 -31.58 -4.45 -15.50
N GLY B 59 -31.13 -3.71 -16.52
CA GLY B 59 -30.03 -4.21 -17.35
C GLY B 59 -28.76 -4.45 -16.53
N GLY B 60 -28.46 -3.54 -15.61
CA GLY B 60 -27.35 -3.77 -14.70
C GLY B 60 -27.55 -5.00 -13.84
N LEU B 61 -28.79 -5.28 -13.43
CA LEU B 61 -29.04 -6.46 -12.61
C LEU B 61 -28.90 -7.73 -13.43
N TYR B 62 -29.43 -7.72 -14.66
CA TYR B 62 -29.27 -8.86 -15.56
C TYR B 62 -27.81 -9.18 -15.79
N GLY B 63 -26.94 -8.18 -15.70
CA GLY B 63 -25.52 -8.42 -15.85
C GLY B 63 -24.86 -9.05 -14.64
N ILE B 64 -25.59 -9.25 -13.54
CA ILE B 64 -25.04 -10.00 -12.42
C ILE B 64 -25.11 -11.49 -12.69
N ILE B 65 -26.31 -12.00 -12.96
CA ILE B 65 -26.48 -13.41 -13.30
C ILE B 65 -25.72 -13.77 -14.58
N LEU B 66 -25.31 -12.77 -15.37
CA LEU B 66 -24.51 -13.04 -16.56
C LEU B 66 -23.03 -13.15 -16.23
N VAL B 67 -22.58 -12.52 -15.13
CA VAL B 67 -21.14 -12.48 -14.83
C VAL B 67 -20.51 -13.86 -14.70
N PRO B 68 -21.12 -14.84 -13.98
CA PRO B 68 -20.49 -16.17 -13.90
C PRO B 68 -20.34 -16.89 -15.23
N SER B 69 -20.75 -16.23 -16.32
CA SER B 69 -20.65 -16.78 -17.66
C SER B 69 -19.77 -15.96 -18.59
N CYS B 70 -19.13 -14.91 -18.11
CA CYS B 70 -18.32 -14.05 -18.95
C CYS B 70 -16.88 -14.57 -19.02
N LYS B 71 -16.19 -14.16 -20.07
CA LYS B 71 -14.76 -14.44 -20.18
C LYS B 71 -14.01 -13.72 -19.07
N LEU B 72 -12.85 -14.26 -18.70
CA LEU B 72 -12.04 -13.63 -17.65
C LEU B 72 -11.64 -12.21 -18.06
N TYR B 73 -11.20 -12.03 -19.31
CA TYR B 73 -10.79 -10.72 -19.76
C TYR B 73 -11.90 -9.68 -19.62
N THR B 74 -13.15 -10.10 -19.80
CA THR B 74 -14.27 -9.16 -19.67
C THR B 74 -14.39 -8.63 -18.25
N CYS B 75 -14.34 -9.54 -17.26
CA CYS B 75 -14.45 -9.12 -15.87
C CYS B 75 -13.34 -8.16 -15.48
N LEU B 76 -12.11 -8.43 -15.93
CA LEU B 76 -10.99 -7.54 -15.63
C LEU B 76 -11.19 -6.17 -16.27
N PHE B 77 -11.57 -6.15 -17.56
CA PHE B 77 -11.83 -4.89 -18.24
C PHE B 77 -12.79 -4.01 -17.45
N GLY B 78 -13.87 -4.60 -16.94
CA GLY B 78 -14.81 -3.83 -16.13
C GLY B 78 -14.14 -3.26 -14.89
N ILE B 79 -13.34 -4.09 -14.20
CA ILE B 79 -12.63 -3.62 -13.01
C ILE B 79 -11.71 -2.45 -13.36
N PHE B 80 -10.90 -2.61 -14.41
CA PHE B 80 -10.11 -1.48 -14.88
C PHE B 80 -11.01 -0.31 -15.23
N TYR B 81 -12.08 -0.57 -15.97
CA TYR B 81 -12.98 0.52 -16.36
C TYR B 81 -13.66 1.14 -15.16
N TYR B 82 -13.81 0.35 -14.08
CA TYR B 82 -14.38 0.87 -12.84
C TYR B 82 -13.40 1.82 -12.13
N MET B 83 -12.17 1.35 -11.87
CA MET B 83 -11.18 2.19 -11.21
C MET B 83 -10.90 3.45 -12.02
N THR B 84 -10.79 3.32 -13.34
CA THR B 84 -10.53 4.48 -14.17
C THR B 84 -11.69 5.46 -14.09
N SER B 85 -12.93 4.97 -14.24
CA SER B 85 -14.09 5.81 -14.02
C SER B 85 -14.02 6.47 -12.65
N ALA B 86 -13.76 5.66 -11.61
CA ALA B 86 -13.74 6.17 -10.24
C ALA B 86 -12.75 7.32 -10.09
N LEU B 87 -11.50 7.10 -10.51
CA LEU B 87 -10.49 8.17 -10.45
C LEU B 87 -10.92 9.38 -11.28
N GLY B 88 -11.61 9.14 -12.39
CA GLY B 88 -12.16 10.25 -13.14
C GLY B 88 -13.11 11.10 -12.31
N ILE B 89 -13.74 10.48 -11.31
CA ILE B 89 -14.63 11.20 -10.41
C ILE B 89 -13.85 11.65 -9.18
N THR B 90 -13.27 10.70 -8.45
CA THR B 90 -12.71 10.99 -7.14
C THR B 90 -11.36 11.71 -7.24
N ALA B 91 -10.49 11.28 -8.17
CA ALA B 91 -9.21 11.95 -8.33
C ALA B 91 -9.34 13.23 -9.15
N GLY B 92 -10.22 13.27 -10.15
CA GLY B 92 -10.41 14.46 -10.96
C GLY B 92 -11.52 15.39 -10.49
N ALA B 93 -12.77 15.08 -10.87
CA ALA B 93 -13.87 16.01 -10.65
C ALA B 93 -14.05 16.39 -9.18
N HIS B 94 -13.84 15.46 -8.25
CA HIS B 94 -13.98 15.82 -6.85
C HIS B 94 -12.78 16.59 -6.32
N ARG B 95 -11.69 15.89 -5.99
CA ARG B 95 -10.60 16.50 -5.25
C ARG B 95 -9.91 17.61 -6.04
N LEU B 96 -9.85 17.49 -7.36
CA LEU B 96 -9.13 18.49 -8.16
C LEU B 96 -10.03 19.67 -8.54
N TRP B 97 -11.11 19.41 -9.26
CA TRP B 97 -11.85 20.51 -9.88
C TRP B 97 -12.87 21.13 -8.92
N SER B 98 -13.53 20.32 -8.11
CA SER B 98 -14.49 20.87 -7.16
C SER B 98 -13.80 21.60 -6.02
N HIS B 99 -12.66 21.10 -5.56
CA HIS B 99 -12.06 21.56 -4.32
C HIS B 99 -10.71 22.25 -4.46
N ARG B 100 -9.98 22.02 -5.56
CA ARG B 100 -8.68 22.63 -5.80
C ARG B 100 -7.68 22.25 -4.70
N THR B 101 -7.79 21.01 -4.22
CA THR B 101 -6.93 20.51 -3.17
C THR B 101 -5.52 20.19 -3.64
N TYR B 102 -5.31 20.06 -4.94
CA TYR B 102 -3.97 19.97 -5.49
C TYR B 102 -4.00 20.56 -6.90
N LYS B 103 -2.83 20.74 -7.49
CA LYS B 103 -2.68 21.24 -8.84
C LYS B 103 -2.17 20.12 -9.74
N ALA B 104 -2.76 19.99 -10.93
CA ALA B 104 -2.43 18.93 -11.87
C ALA B 104 -1.93 19.53 -13.18
N ARG B 105 -0.92 18.88 -13.76
CA ARG B 105 -0.39 19.33 -15.03
C ARG B 105 -1.24 18.80 -16.18
N LEU B 106 -0.90 19.24 -17.39
CA LEU B 106 -1.74 18.95 -18.56
C LEU B 106 -1.92 17.45 -18.82
N PRO B 107 -0.88 16.61 -18.84
CA PRO B 107 -1.11 15.19 -19.12
C PRO B 107 -2.07 14.52 -18.15
N LEU B 108 -1.87 14.73 -16.84
CA LEU B 108 -2.78 14.16 -15.86
C LEU B 108 -4.21 14.65 -16.10
N ARG B 109 -4.38 15.93 -16.41
CA ARG B 109 -5.71 16.48 -16.63
C ARG B 109 -6.36 15.90 -17.88
N ILE B 110 -5.58 15.60 -18.91
CA ILE B 110 -6.12 14.92 -20.10
C ILE B 110 -6.67 13.55 -19.72
N PHE B 111 -5.89 12.78 -18.95
CA PHE B 111 -6.36 11.47 -18.50
C PHE B 111 -7.63 11.61 -17.65
N LEU B 112 -7.62 12.55 -16.71
CA LEU B 112 -8.73 12.67 -15.75
C LEU B 112 -10.02 13.07 -16.45
N ILE B 113 -9.94 13.94 -17.47
CA ILE B 113 -11.16 14.38 -18.13
C ILE B 113 -11.76 13.26 -18.96
N ILE B 114 -10.93 12.35 -19.48
CA ILE B 114 -11.46 11.20 -20.19
C ILE B 114 -12.02 10.19 -19.20
N ALA B 115 -11.27 9.93 -18.12
CA ALA B 115 -11.76 9.01 -17.10
C ALA B 115 -13.04 9.53 -16.47
N ASN B 116 -13.19 10.86 -16.38
CA ASN B 116 -14.43 11.43 -15.90
C ASN B 116 -15.55 11.22 -16.90
N THR B 117 -15.23 11.24 -18.19
CA THR B 117 -16.26 11.03 -19.20
C THR B 117 -16.71 9.57 -19.23
N MET B 118 -15.82 8.64 -18.91
CA MET B 118 -16.21 7.24 -18.79
C MET B 118 -17.19 7.02 -17.64
N ALA B 119 -17.21 7.91 -16.66
CA ALA B 119 -18.07 7.77 -15.49
C ALA B 119 -19.42 8.44 -15.68
N PHE B 120 -19.58 9.30 -16.69
CA PHE B 120 -20.82 9.96 -17.06
C PHE B 120 -21.64 10.33 -15.83
N GLN B 121 -21.22 11.36 -15.11
CA GLN B 121 -21.93 11.89 -13.97
C GLN B 121 -22.21 13.37 -14.16
N ASN B 122 -22.64 13.70 -15.38
CA ASN B 122 -22.70 15.07 -15.90
C ASN B 122 -21.27 15.62 -16.05
N ASP B 123 -21.11 16.69 -16.81
CA ASP B 123 -19.77 17.20 -17.07
C ASP B 123 -19.16 17.78 -15.79
N VAL B 124 -17.88 18.13 -15.87
CA VAL B 124 -17.15 18.51 -14.67
C VAL B 124 -17.62 19.87 -14.15
N TYR B 125 -17.99 20.79 -15.04
CA TYR B 125 -18.55 22.06 -14.57
C TYR B 125 -19.83 21.82 -13.77
N GLU B 126 -20.71 20.95 -14.27
CA GLU B 126 -21.95 20.67 -13.57
C GLU B 126 -21.71 19.85 -12.31
N TRP B 127 -20.75 18.94 -12.35
CA TRP B 127 -20.40 18.14 -11.18
C TRP B 127 -19.96 19.04 -10.02
N ALA B 128 -19.04 19.96 -10.29
CA ALA B 128 -18.47 20.79 -9.22
C ALA B 128 -19.48 21.81 -8.71
N ARG B 129 -20.30 22.37 -9.61
CA ARG B 129 -21.27 23.37 -9.19
C ARG B 129 -22.25 22.80 -8.17
N ASP B 130 -22.67 21.55 -8.36
CA ASP B 130 -23.51 20.90 -7.35
C ASP B 130 -22.71 20.63 -6.09
N HIS B 131 -21.50 20.07 -6.23
CA HIS B 131 -20.72 19.69 -5.06
C HIS B 131 -20.33 20.90 -4.22
N ARG B 132 -19.98 22.01 -4.86
CA ARG B 132 -19.66 23.21 -4.10
C ARG B 132 -20.88 23.72 -3.33
N ALA B 133 -22.07 23.58 -3.91
CA ALA B 133 -23.28 23.82 -3.15
C ALA B 133 -23.54 22.71 -2.14
N HIS B 134 -22.97 21.52 -2.34
CA HIS B 134 -23.19 20.43 -1.40
C HIS B 134 -22.47 20.68 -0.09
N HIS B 135 -21.18 21.05 -0.15
CA HIS B 135 -20.50 21.47 1.08
C HIS B 135 -21.10 22.75 1.62
N LYS B 136 -21.13 23.80 0.80
CA LYS B 136 -21.40 25.15 1.29
C LYS B 136 -22.77 25.27 1.96
N PHE B 137 -23.72 24.43 1.59
CA PHE B 137 -25.05 24.45 2.18
C PHE B 137 -25.47 23.03 2.56
N SER B 138 -24.57 22.30 3.20
CA SER B 138 -24.82 20.92 3.58
C SER B 138 -26.07 20.80 4.44
N GLU B 139 -26.92 19.83 4.09
CA GLU B 139 -28.15 19.54 4.83
C GLU B 139 -29.11 20.72 4.88
N THR B 140 -29.18 21.46 3.77
CA THR B 140 -30.20 22.48 3.58
C THR B 140 -30.85 22.25 2.22
N HIS B 141 -32.00 22.90 2.00
CA HIS B 141 -32.68 22.76 0.73
C HIS B 141 -31.81 23.22 -0.44
N ALA B 142 -30.76 24.02 -0.16
CA ALA B 142 -29.78 24.37 -1.16
C ALA B 142 -28.75 23.26 -1.40
N ASP B 143 -28.68 22.25 -0.53
CA ASP B 143 -27.86 21.07 -0.81
C ASP B 143 -28.49 20.32 -1.97
N PRO B 144 -27.76 20.11 -3.08
CA PRO B 144 -28.37 19.41 -4.23
C PRO B 144 -28.91 18.04 -3.90
N HIS B 145 -28.24 17.31 -3.03
CA HIS B 145 -28.75 16.05 -2.48
C HIS B 145 -28.87 16.14 -0.98
N ASN B 146 -29.72 17.06 -0.50
CA ASN B 146 -30.04 17.25 0.91
C ASN B 146 -30.25 15.91 1.60
N SER B 147 -29.38 15.62 2.57
CA SER B 147 -29.48 14.37 3.31
C SER B 147 -30.77 14.27 4.12
N ARG B 148 -31.25 15.38 4.66
CA ARG B 148 -32.39 15.36 5.59
C ARG B 148 -33.69 14.93 4.92
N ARG B 149 -33.72 14.72 3.60
CA ARG B 149 -34.89 14.19 2.91
C ARG B 149 -34.88 12.67 2.86
N GLY B 150 -34.12 12.00 3.72
CA GLY B 150 -34.12 10.56 3.79
C GLY B 150 -33.12 9.92 2.85
N PHE B 151 -33.00 8.60 2.99
CA PHE B 151 -31.97 7.85 2.26
C PHE B 151 -32.24 7.83 0.76
N PHE B 152 -33.51 7.61 0.36
CA PHE B 152 -33.80 7.43 -1.05
C PHE B 152 -33.47 8.69 -1.85
N PHE B 153 -33.80 9.86 -1.32
CA PHE B 153 -33.57 11.09 -2.06
C PHE B 153 -32.09 11.28 -2.36
N SER B 154 -31.26 11.21 -1.31
CA SER B 154 -29.84 11.53 -1.46
C SER B 154 -29.10 10.50 -2.30
N HIS B 155 -29.53 9.24 -2.28
CA HIS B 155 -28.87 8.23 -3.09
C HIS B 155 -29.15 8.46 -4.57
N VAL B 156 -30.38 8.15 -5.00
CA VAL B 156 -30.74 8.20 -6.41
C VAL B 156 -31.97 9.04 -6.70
N GLY B 157 -32.86 9.33 -5.73
CA GLY B 157 -34.08 10.04 -6.06
C GLY B 157 -33.87 11.49 -6.46
N TRP B 158 -32.83 12.13 -5.95
CA TRP B 158 -32.59 13.54 -6.28
C TRP B 158 -32.29 13.73 -7.77
N LEU B 159 -31.89 12.66 -8.47
CA LEU B 159 -31.73 12.67 -9.92
C LEU B 159 -33.05 12.50 -10.65
N LEU B 160 -34.16 12.29 -9.93
CA LEU B 160 -35.44 11.99 -10.54
C LEU B 160 -36.51 13.04 -10.24
N VAL B 161 -36.18 14.14 -9.55
CA VAL B 161 -37.14 15.20 -9.29
C VAL B 161 -36.50 16.55 -9.60
N ARG B 162 -37.35 17.56 -9.72
CA ARG B 162 -36.88 18.92 -9.97
C ARG B 162 -36.11 19.44 -8.76
N LYS B 163 -35.07 20.23 -9.03
CA LYS B 163 -34.26 20.79 -7.96
C LYS B 163 -35.05 21.80 -7.15
N HIS B 164 -34.72 21.88 -5.86
CA HIS B 164 -35.29 22.90 -5.00
C HIS B 164 -34.89 24.28 -5.51
N PRO B 165 -35.76 25.28 -5.34
CA PRO B 165 -35.38 26.64 -5.81
C PRO B 165 -34.10 27.17 -5.20
N ALA B 166 -33.93 27.00 -3.89
CA ALA B 166 -32.76 27.54 -3.20
C ALA B 166 -31.46 26.98 -3.73
N VAL B 167 -31.50 25.84 -4.43
CA VAL B 167 -30.29 25.31 -5.05
C VAL B 167 -29.81 26.25 -6.15
N LYS B 168 -30.70 26.57 -7.09
CA LYS B 168 -30.33 27.43 -8.21
C LYS B 168 -30.01 28.84 -7.74
N GLU B 169 -30.63 29.29 -6.65
CA GLU B 169 -30.41 30.63 -6.14
C GLU B 169 -29.09 30.73 -5.39
N LYS B 170 -28.92 29.93 -4.33
CA LYS B 170 -27.69 29.98 -3.54
C LYS B 170 -26.51 29.46 -4.34
N GLY B 171 -26.71 28.42 -5.14
CA GLY B 171 -25.64 27.92 -5.99
C GLY B 171 -25.32 28.84 -7.14
N GLY B 172 -26.32 29.60 -7.62
CA GLY B 172 -26.05 30.56 -8.68
C GLY B 172 -25.06 31.62 -8.28
N LYS B 173 -25.03 31.95 -6.98
CA LYS B 173 -24.05 32.90 -6.45
C LYS B 173 -22.70 32.26 -6.16
N LEU B 174 -22.53 30.97 -6.46
CA LEU B 174 -21.23 30.34 -6.30
C LEU B 174 -20.28 30.78 -7.41
N ASP B 175 -19.06 31.13 -7.02
CA ASP B 175 -18.04 31.51 -7.99
C ASP B 175 -17.57 30.28 -8.74
N MET B 176 -17.67 30.32 -10.07
CA MET B 176 -17.19 29.23 -10.91
C MET B 176 -16.04 29.67 -11.81
N SER B 177 -15.51 30.89 -11.62
CA SER B 177 -14.49 31.41 -12.51
C SER B 177 -13.27 30.50 -12.60
N ASP B 178 -12.95 29.80 -11.51
CA ASP B 178 -11.78 28.91 -11.53
C ASP B 178 -11.95 27.79 -12.54
N LEU B 179 -13.20 27.36 -12.76
CA LEU B 179 -13.50 26.35 -13.77
C LEU B 179 -14.00 26.93 -15.07
N LYS B 180 -14.58 28.13 -15.04
CA LYS B 180 -14.96 28.81 -16.28
C LYS B 180 -13.75 29.08 -17.15
N ALA B 181 -12.57 29.20 -16.54
CA ALA B 181 -11.35 29.57 -17.25
C ALA B 181 -10.43 28.37 -17.51
N GLU B 182 -10.97 27.16 -17.45
CA GLU B 182 -10.21 25.94 -17.75
C GLU B 182 -10.65 25.43 -19.12
N LYS B 183 -9.79 25.59 -20.11
CA LYS B 183 -10.13 25.19 -21.48
C LYS B 183 -10.43 23.71 -21.58
N LEU B 184 -9.75 22.89 -20.79
CA LEU B 184 -9.99 21.44 -20.85
C LEU B 184 -11.34 21.08 -20.26
N VAL B 185 -11.77 21.79 -19.21
CA VAL B 185 -13.07 21.50 -18.60
C VAL B 185 -14.21 22.02 -19.46
N MET B 186 -14.04 23.20 -20.06
CA MET B 186 -15.06 23.73 -20.96
C MET B 186 -15.17 22.89 -22.23
N PHE B 187 -14.02 22.50 -22.79
CA PHE B 187 -14.01 21.58 -23.94
C PHE B 187 -14.83 20.33 -23.62
N GLN B 188 -14.64 19.78 -22.43
CA GLN B 188 -15.38 18.58 -22.04
C GLN B 188 -16.88 18.86 -22.04
N ARG B 189 -17.30 19.97 -21.41
CA ARG B 189 -18.71 20.30 -21.36
C ARG B 189 -19.28 20.55 -22.75
N ARG B 190 -18.46 21.14 -23.64
CA ARG B 190 -18.89 21.39 -25.01
C ARG B 190 -19.33 20.10 -25.69
N TYR B 191 -18.44 19.12 -25.75
CA TYR B 191 -18.71 17.85 -26.44
C TYR B 191 -19.02 16.71 -25.48
N TYR B 192 -19.71 16.98 -24.37
CA TYR B 192 -19.94 15.94 -23.37
C TYR B 192 -20.84 14.83 -23.92
N LYS B 193 -21.94 15.20 -24.57
CA LYS B 193 -22.85 14.20 -25.14
C LYS B 193 -22.15 13.21 -26.04
N PRO B 194 -21.38 13.61 -27.07
CA PRO B 194 -20.67 12.60 -27.86
C PRO B 194 -19.62 11.85 -27.06
N GLY B 195 -18.97 12.53 -26.10
CA GLY B 195 -17.90 11.88 -25.35
C GLY B 195 -18.41 10.76 -24.47
N LEU B 196 -19.44 11.04 -23.65
CA LEU B 196 -19.94 10.03 -22.73
C LEU B 196 -20.48 8.82 -23.49
N LEU B 197 -21.18 9.06 -24.59
CA LEU B 197 -21.72 7.96 -25.38
C LEU B 197 -20.61 7.00 -25.81
N LEU B 198 -19.43 7.53 -26.12
CA LEU B 198 -18.29 6.72 -26.49
C LEU B 198 -17.70 6.01 -25.28
N MET B 199 -17.16 6.78 -24.33
CA MET B 199 -16.37 6.19 -23.24
C MET B 199 -17.24 5.43 -22.25
N CYS B 200 -18.50 5.83 -22.09
CA CYS B 200 -19.35 5.19 -21.09
C CYS B 200 -20.13 4.00 -21.64
N PHE B 201 -20.52 4.03 -22.90
CA PHE B 201 -21.44 3.03 -23.45
C PHE B 201 -20.88 2.34 -24.69
N ILE B 202 -20.56 3.09 -25.74
CA ILE B 202 -20.17 2.50 -27.01
C ILE B 202 -18.87 1.71 -26.87
N LEU B 203 -17.80 2.37 -26.43
CA LEU B 203 -16.50 1.71 -26.43
C LEU B 203 -16.42 0.54 -25.44
N PRO B 204 -16.85 0.68 -24.18
CA PRO B 204 -16.74 -0.46 -23.25
C PRO B 204 -17.71 -1.60 -23.54
N THR B 205 -18.57 -1.47 -24.55
CA THR B 205 -19.33 -2.62 -25.05
C THR B 205 -18.62 -3.30 -26.22
N LEU B 206 -18.04 -2.52 -27.12
CA LEU B 206 -17.40 -3.09 -28.30
C LEU B 206 -16.07 -3.77 -27.96
N VAL B 207 -15.33 -3.24 -26.98
CA VAL B 207 -13.98 -3.74 -26.72
C VAL B 207 -13.97 -5.22 -26.37
N PRO B 208 -14.78 -5.72 -25.42
CA PRO B 208 -14.81 -7.18 -25.21
C PRO B 208 -15.31 -7.94 -26.42
N TRP B 209 -16.15 -7.31 -27.24
CA TRP B 209 -16.72 -7.97 -28.40
C TRP B 209 -15.67 -8.27 -29.47
N TYR B 210 -14.75 -7.33 -29.68
CA TYR B 210 -13.76 -7.46 -30.74
C TYR B 210 -12.46 -8.09 -30.27
N CYS B 211 -11.89 -7.60 -29.16
CA CYS B 211 -10.53 -8.01 -28.80
C CYS B 211 -10.47 -9.44 -28.28
N TRP B 212 -11.47 -9.87 -27.51
CA TRP B 212 -11.48 -11.26 -27.05
C TRP B 212 -12.80 -11.96 -27.36
N GLY B 213 -13.53 -11.49 -28.37
CA GLY B 213 -14.74 -12.17 -28.83
C GLY B 213 -15.77 -12.46 -27.76
N GLU B 214 -15.93 -11.56 -26.78
CA GLU B 214 -16.99 -11.72 -25.81
C GLU B 214 -18.35 -11.49 -26.48
N THR B 215 -19.34 -12.27 -26.09
CA THR B 215 -20.67 -12.15 -26.68
C THR B 215 -21.24 -10.75 -26.46
N PHE B 216 -21.84 -10.18 -27.51
CA PHE B 216 -22.37 -8.82 -27.45
C PHE B 216 -23.36 -8.66 -26.29
N VAL B 217 -24.08 -9.72 -25.94
CA VAL B 217 -24.97 -9.67 -24.78
C VAL B 217 -24.16 -9.46 -23.50
N ASN B 218 -23.13 -10.31 -23.31
CA ASN B 218 -22.30 -10.17 -22.11
C ASN B 218 -21.55 -8.85 -22.12
N SER B 219 -21.16 -8.36 -23.29
CA SER B 219 -20.43 -7.11 -23.37
C SER B 219 -21.27 -5.95 -22.86
N LEU B 220 -22.52 -5.86 -23.31
CA LEU B 220 -23.34 -4.71 -22.98
C LEU B 220 -23.86 -4.78 -21.55
N PHE B 221 -24.40 -5.92 -21.14
CA PHE B 221 -25.08 -5.97 -19.86
C PHE B 221 -24.13 -6.15 -18.68
N VAL B 222 -22.89 -6.56 -18.92
CA VAL B 222 -21.93 -6.68 -17.81
C VAL B 222 -20.97 -5.51 -17.88
N SER B 223 -20.15 -5.47 -18.94
CA SER B 223 -19.07 -4.50 -19.03
C SER B 223 -19.56 -3.06 -19.11
N THR B 224 -20.82 -2.85 -19.46
CA THR B 224 -21.37 -1.49 -19.57
C THR B 224 -22.48 -1.26 -18.55
N PHE B 225 -23.62 -1.96 -18.64
CA PHE B 225 -24.73 -1.65 -17.74
C PHE B 225 -24.34 -1.88 -16.29
N LEU B 226 -23.81 -3.05 -15.96
CA LEU B 226 -23.44 -3.30 -14.58
C LEU B 226 -22.32 -2.37 -14.14
N ARG B 227 -21.27 -2.25 -14.95
CA ARG B 227 -20.12 -1.43 -14.59
C ARG B 227 -20.53 0.00 -14.29
N TYR B 228 -21.33 0.59 -15.18
CA TYR B 228 -21.86 1.93 -14.93
C TYR B 228 -22.79 1.95 -13.73
N THR B 229 -23.67 0.96 -13.62
CA THR B 229 -24.59 0.89 -12.48
C THR B 229 -23.81 0.79 -11.16
N LEU B 230 -22.69 0.06 -11.17
CA LEU B 230 -21.89 -0.04 -9.96
C LEU B 230 -21.12 1.24 -9.68
N VAL B 231 -20.55 1.85 -10.72
CA VAL B 231 -19.88 3.14 -10.55
C VAL B 231 -20.84 4.15 -9.92
N LEU B 232 -22.04 4.25 -10.48
CA LEU B 232 -22.99 5.25 -9.99
C LEU B 232 -23.46 4.93 -8.57
N ASN B 233 -23.90 3.69 -8.34
CA ASN B 233 -24.35 3.33 -7.00
C ASN B 233 -23.23 3.39 -5.98
N ALA B 234 -21.98 3.24 -6.42
CA ALA B 234 -20.85 3.49 -5.53
C ALA B 234 -20.71 4.97 -5.21
N THR B 235 -20.71 5.82 -6.26
CA THR B 235 -20.66 7.26 -6.06
C THR B 235 -21.81 7.73 -5.18
N TRP B 236 -23.01 7.15 -5.37
CA TRP B 236 -24.17 7.63 -4.63
C TRP B 236 -24.11 7.28 -3.16
N LEU B 237 -23.48 6.15 -2.80
CA LEU B 237 -23.35 5.80 -1.39
C LEU B 237 -22.50 6.80 -0.63
N VAL B 238 -21.65 7.57 -1.32
CA VAL B 238 -20.96 8.67 -0.67
C VAL B 238 -21.94 9.76 -0.25
N ASN B 239 -23.10 9.82 -0.90
CA ASN B 239 -24.10 10.82 -0.56
C ASN B 239 -25.22 10.26 0.31
N SER B 240 -25.44 8.95 0.28
CA SER B 240 -26.52 8.35 1.04
C SER B 240 -26.01 7.78 2.36
N ALA B 241 -25.33 6.64 2.31
CA ALA B 241 -24.88 5.98 3.53
C ALA B 241 -23.83 6.78 4.27
N ALA B 242 -23.13 7.68 3.57
CA ALA B 242 -22.04 8.44 4.18
C ALA B 242 -22.50 9.74 4.82
N HIS B 243 -23.77 10.13 4.63
CA HIS B 243 -24.39 11.19 5.42
C HIS B 243 -25.41 10.61 6.40
N LEU B 244 -25.19 9.37 6.82
CA LEU B 244 -26.14 8.67 7.67
C LEU B 244 -25.43 7.69 8.60
N TYR B 245 -24.98 6.55 8.06
CA TYR B 245 -24.35 5.50 8.88
C TYR B 245 -22.86 5.75 9.00
N GLY B 246 -22.34 5.65 10.23
CA GLY B 246 -20.92 5.80 10.46
C GLY B 246 -20.57 6.63 11.68
N TYR B 247 -19.29 6.68 12.02
CA TYR B 247 -18.82 7.45 13.16
C TYR B 247 -18.42 8.85 12.71
N ARG B 248 -18.37 9.77 13.67
CA ARG B 248 -18.08 11.18 13.42
C ARG B 248 -16.94 11.65 14.31
N PRO B 249 -15.72 11.17 14.07
CA PRO B 249 -14.61 11.49 15.00
C PRO B 249 -14.19 12.94 14.98
N TYR B 250 -14.46 13.68 13.91
CA TYR B 250 -13.91 15.02 13.74
C TYR B 250 -14.93 16.14 13.94
N ASP B 251 -16.20 15.92 13.62
CA ASP B 251 -17.24 16.91 13.89
C ASP B 251 -18.55 16.17 14.13
N LYS B 252 -18.95 16.08 15.41
CA LYS B 252 -20.20 15.46 15.78
C LYS B 252 -21.42 16.32 15.42
N ASN B 253 -21.24 17.42 14.69
CA ASN B 253 -22.31 18.37 14.42
C ASN B 253 -22.86 18.29 13.01
N ILE B 254 -22.03 18.05 11.99
CA ILE B 254 -22.56 17.81 10.66
C ILE B 254 -23.06 16.38 10.57
N GLN B 255 -23.89 16.11 9.55
CA GLN B 255 -24.41 14.78 9.34
C GLN B 255 -23.49 13.90 8.50
N SER B 256 -22.38 14.46 8.01
CA SER B 256 -21.39 13.67 7.29
C SER B 256 -20.84 12.58 8.21
N ARG B 257 -20.25 11.56 7.62
CA ARG B 257 -19.86 10.37 8.38
C ARG B 257 -18.60 9.73 7.78
N GLU B 258 -18.10 8.72 8.48
CA GLU B 258 -16.91 7.94 8.11
C GLU B 258 -17.34 6.49 7.96
N ASN B 259 -17.57 6.04 6.72
CA ASN B 259 -18.08 4.71 6.45
C ASN B 259 -17.00 3.95 5.69
N ILE B 260 -16.47 2.90 6.31
CA ILE B 260 -15.35 2.17 5.72
C ILE B 260 -15.78 1.44 4.45
N LEU B 261 -16.98 0.83 4.46
CA LEU B 261 -17.45 0.11 3.29
C LEU B 261 -17.54 1.02 2.08
N VAL B 262 -17.94 2.27 2.29
CA VAL B 262 -17.99 3.23 1.19
C VAL B 262 -16.59 3.52 0.67
N SER B 263 -15.64 3.76 1.58
CA SER B 263 -14.26 3.98 1.19
C SER B 263 -13.76 2.88 0.27
N LEU B 264 -14.17 1.64 0.53
CA LEU B 264 -13.81 0.53 -0.33
C LEU B 264 -14.32 0.75 -1.75
N GLY B 265 -15.64 1.00 -1.88
CA GLY B 265 -16.24 1.13 -3.19
C GLY B 265 -16.07 2.49 -3.85
N ALA B 266 -15.84 3.53 -3.07
CA ALA B 266 -15.59 4.86 -3.60
C ALA B 266 -14.10 5.17 -3.68
N VAL B 267 -13.27 4.14 -3.83
CA VAL B 267 -11.81 4.19 -3.82
C VAL B 267 -11.26 5.30 -2.93
N GLY B 268 -11.96 5.51 -1.84
CA GLY B 268 -11.43 6.46 -0.92
C GLY B 268 -12.26 7.56 -0.35
N GLU B 269 -13.26 8.00 -1.06
CA GLU B 269 -14.06 9.10 -0.61
C GLU B 269 -15.17 8.81 0.38
N GLY B 270 -14.92 8.02 1.40
CA GLY B 270 -15.94 7.61 2.32
C GLY B 270 -15.61 8.31 3.57
N PHE B 271 -14.35 8.60 3.81
CA PHE B 271 -14.05 9.37 5.01
C PHE B 271 -14.71 10.76 4.91
N HIS B 272 -16.04 10.75 4.85
CA HIS B 272 -16.78 11.95 4.48
C HIS B 272 -16.94 12.93 5.63
N ASN B 273 -16.86 12.47 6.88
CA ASN B 273 -16.91 13.41 8.00
C ASN B 273 -15.63 14.22 8.09
N TYR B 274 -14.48 13.58 7.88
CA TYR B 274 -13.23 14.33 7.75
C TYR B 274 -13.26 15.24 6.54
N HIS B 275 -13.82 14.77 5.42
CA HIS B 275 -13.82 15.57 4.21
C HIS B 275 -14.68 16.82 4.37
N HIS B 276 -15.93 16.66 4.79
CA HIS B 276 -16.81 17.81 4.98
C HIS B 276 -16.24 18.78 6.00
N THR B 277 -15.46 18.28 6.96
CA THR B 277 -14.82 19.17 7.92
C THR B 277 -13.64 19.91 7.30
N PHE B 278 -12.90 19.25 6.40
CA PHE B 278 -11.72 19.82 5.77
C PHE B 278 -11.78 19.53 4.27
N PRO B 279 -12.54 20.32 3.52
CA PRO B 279 -12.61 20.09 2.06
C PRO B 279 -11.27 20.21 1.36
N PHE B 280 -10.45 21.18 1.78
CA PHE B 280 -9.20 21.52 1.10
C PHE B 280 -8.15 20.43 1.23
N ASP B 281 -8.34 19.46 2.11
CA ASP B 281 -7.41 18.35 2.21
C ASP B 281 -7.46 17.50 0.94
N TYR B 282 -6.32 17.37 0.27
CA TYR B 282 -6.26 16.58 -0.95
C TYR B 282 -6.44 15.09 -0.70
N SER B 283 -6.19 14.64 0.53
CA SER B 283 -6.39 13.23 0.87
C SER B 283 -7.83 12.93 1.29
N ALA B 284 -8.59 13.94 1.71
CA ALA B 284 -9.96 13.77 2.18
C ALA B 284 -10.06 12.69 3.26
N SER B 285 -8.96 12.46 3.96
CA SER B 285 -8.90 11.52 5.08
C SER B 285 -7.73 11.91 5.95
N GLU B 286 -7.79 11.52 7.22
CA GLU B 286 -6.68 11.84 8.12
C GLU B 286 -5.41 11.13 7.69
N TYR B 287 -5.52 9.85 7.29
CA TYR B 287 -4.39 9.08 6.81
C TYR B 287 -4.52 8.91 5.30
N ARG B 288 -3.37 8.94 4.60
CA ARG B 288 -3.39 9.13 3.17
C ARG B 288 -3.78 7.87 2.40
N TRP B 289 -3.20 6.71 2.76
CA TRP B 289 -3.43 5.51 1.96
C TRP B 289 -4.44 4.54 2.58
N HIS B 290 -4.90 4.79 3.81
CA HIS B 290 -5.79 3.83 4.49
C HIS B 290 -7.09 3.66 3.73
N ILE B 291 -7.20 2.58 2.96
CA ILE B 291 -8.38 2.29 2.15
C ILE B 291 -8.70 3.53 1.32
N ASN B 292 -7.69 4.02 0.60
CA ASN B 292 -7.80 5.25 -0.16
C ASN B 292 -6.93 5.12 -1.41
N PHE B 293 -7.42 4.35 -2.38
CA PHE B 293 -6.71 4.17 -3.64
C PHE B 293 -6.56 5.50 -4.39
N THR B 294 -7.51 6.43 -4.21
CA THR B 294 -7.43 7.70 -4.91
C THR B 294 -6.22 8.51 -4.49
N THR B 295 -5.93 8.53 -3.19
CA THR B 295 -4.76 9.26 -2.71
C THR B 295 -3.46 8.60 -3.15
N PHE B 296 -3.37 7.27 -2.97
CA PHE B 296 -2.25 6.51 -3.52
C PHE B 296 -2.02 6.85 -4.99
N PHE B 297 -3.09 6.94 -5.77
CA PHE B 297 -2.96 7.29 -7.17
C PHE B 297 -2.49 8.74 -7.34
N ILE B 298 -3.11 9.67 -6.62
CA ILE B 298 -2.69 11.07 -6.70
C ILE B 298 -1.22 11.21 -6.34
N ASP B 299 -0.77 10.46 -5.33
CA ASP B 299 0.64 10.49 -4.96
C ASP B 299 1.52 9.87 -6.03
N CYS B 300 1.06 8.76 -6.64
CA CYS B 300 1.78 8.19 -7.77
C CYS B 300 1.92 9.19 -8.91
N MET B 301 0.93 10.05 -9.09
CA MET B 301 1.01 11.13 -10.07
C MET B 301 1.87 12.29 -9.59
N ALA B 302 2.03 12.45 -8.27
CA ALA B 302 3.02 13.40 -7.77
C ALA B 302 4.44 12.84 -7.94
N ALA B 303 4.57 11.51 -7.92
CA ALA B 303 5.85 10.84 -8.10
C ALA B 303 6.30 10.83 -9.56
N LEU B 304 5.46 11.29 -10.48
CA LEU B 304 5.85 11.49 -11.88
C LEU B 304 5.87 12.96 -12.27
N GLY B 305 5.61 13.87 -11.32
CA GLY B 305 5.57 15.29 -11.61
C GLY B 305 4.25 15.81 -12.12
N LEU B 306 3.24 14.95 -12.25
CA LEU B 306 1.97 15.34 -12.85
C LEU B 306 1.01 15.99 -11.85
N ALA B 307 1.16 15.70 -10.56
CA ALA B 307 0.50 16.43 -9.51
C ALA B 307 1.54 17.08 -8.62
N TYR B 308 1.18 18.23 -8.06
CA TYR B 308 2.04 18.98 -7.16
C TYR B 308 1.14 19.87 -6.32
N ASP B 309 1.74 20.56 -5.36
CA ASP B 309 1.03 21.53 -4.53
C ASP B 309 -0.14 20.87 -3.79
N ARG B 310 0.00 19.58 -3.46
CA ARG B 310 -0.99 18.91 -2.63
C ARG B 310 -1.10 19.64 -1.30
N LYS B 311 -2.30 19.62 -0.72
CA LYS B 311 -2.55 20.37 0.50
C LYS B 311 -3.10 19.44 1.56
N LYS B 312 -2.41 19.37 2.70
CA LYS B 312 -2.77 18.53 3.83
C LYS B 312 -2.85 19.39 5.09
N VAL B 313 -3.71 18.99 6.02
CA VAL B 313 -3.95 19.74 7.25
C VAL B 313 -3.06 19.16 8.35
N SER B 314 -2.32 20.04 9.04
CA SER B 314 -1.34 19.61 10.02
C SER B 314 -2.01 18.87 11.18
N LYS B 315 -1.24 17.97 11.81
CA LYS B 315 -1.79 17.11 12.87
C LYS B 315 -2.43 17.94 13.97
N ALA B 316 -1.82 19.06 14.34
CA ALA B 316 -2.33 19.87 15.43
C ALA B 316 -3.70 20.45 15.11
N THR B 317 -3.89 20.92 13.88
CA THR B 317 -5.20 21.44 13.47
C THR B 317 -6.26 20.34 13.53
N VAL B 318 -5.95 19.16 13.01
CA VAL B 318 -6.88 18.04 13.06
C VAL B 318 -7.14 17.64 14.52
N LEU B 319 -6.06 17.46 15.29
CA LEU B 319 -6.22 16.98 16.66
C LEU B 319 -7.00 17.97 17.51
N ALA B 320 -6.64 19.25 17.47
CA ALA B 320 -7.36 20.25 18.25
C ALA B 320 -8.82 20.32 17.84
N ARG B 321 -9.13 19.94 16.60
CA ARG B 321 -10.52 19.91 16.17
C ARG B 321 -11.26 18.72 16.78
N ILE B 322 -10.58 17.57 16.92
CA ILE B 322 -11.19 16.42 17.58
C ILE B 322 -11.56 16.78 19.01
N LYS B 323 -10.65 17.46 19.71
CA LYS B 323 -10.89 17.84 21.11
C LYS B 323 -12.04 18.83 21.23
N ARG B 324 -12.29 19.60 20.18
CA ARG B 324 -13.33 20.64 20.20
C ARG B 324 -14.71 20.08 19.84
N THR B 325 -14.82 19.47 18.66
CA THR B 325 -16.13 19.11 18.10
C THR B 325 -16.35 17.61 17.94
N GLY B 326 -15.31 16.78 18.08
CA GLY B 326 -15.46 15.37 17.80
C GLY B 326 -16.42 14.69 18.75
N ASP B 327 -16.85 13.49 18.35
CA ASP B 327 -17.68 12.64 19.20
C ASP B 327 -16.87 11.73 20.12
N GLY B 328 -15.56 11.98 20.26
CA GLY B 328 -14.74 11.21 21.16
C GLY B 328 -14.52 9.77 20.80
N SER B 329 -14.73 9.39 19.53
CA SER B 329 -14.44 8.03 19.09
C SER B 329 -13.02 7.89 18.55
N HIS B 330 -12.29 8.98 18.39
CA HIS B 330 -10.94 8.93 17.87
C HIS B 330 -9.99 8.26 18.85
FE FE C . 18.20 -6.95 12.33
FE FE D . 22.14 -3.62 8.56
C10 3VV E . 20.51 -7.77 7.54
C13 3VV E . 21.50 -11.30 6.02
C15 3VV E . 22.86 -13.48 6.15
C17 3VV E . 23.90 -15.56 5.07
C21 3VV E . 25.00 -18.67 2.09
C22 3VV E . 25.30 -20.23 2.29
C24 3VV E . 27.67 -19.82 3.05
C26 3VV E . 28.80 -19.89 4.09
P38 3VV E . 36.15 -17.69 8.97
P42 3VV E . 33.98 -18.92 10.52
P54 3VV E . 31.99 -22.02 15.51
C01 3VV E . 14.33 -12.87 0.52
C02 3VV E . 14.60 -12.82 1.98
C03 3VV E . 15.17 -11.46 2.45
C04 3VV E . 15.80 -11.53 3.88
C05 3VV E . 16.36 -10.17 4.34
C06 3VV E . 17.26 -10.34 5.61
C07 3VV E . 17.77 -8.97 6.19
C08 3VV E . 18.42 -9.13 7.62
C09 3VV E . 19.28 -7.92 8.06
C11 3VV E . 20.99 -8.81 6.50
C12 3VV E . 21.27 -10.27 7.13
C14 3VV E . 22.93 -11.94 6.07
C16 3VV E . 23.29 -14.15 4.82
C18 3VV E . 24.17 -16.27 3.71
O19 3VV E . 23.71 -15.84 2.68
S20 3VV E . 25.23 -17.79 3.71
N23 3VV E . 26.33 -20.35 3.35
O25 3VV E . 27.87 -19.33 1.97
C27 3VV E . 30.06 -19.11 3.70
N28 3VV E . 30.77 -18.60 4.91
C29 3VV E . 32.01 -19.21 5.30
O30 3VV E . 32.46 -20.09 4.68
C31 3VV E . 32.73 -18.66 6.53
O32 3VV E . 31.77 -18.34 7.47
C33 3VV E . 33.47 -17.38 6.10
C34 3VV E . 34.39 -17.68 4.91
C35 3VV E . 32.49 -16.28 5.68
C36 3VV E . 34.30 -16.86 7.31
O37 3VV E . 35.42 -17.73 7.49
O39 3VV E . 36.91 -18.97 9.16
O40 3VV E . 37.07 -16.51 9.08
O41 3VV E . 34.94 -17.60 10.11
O43 3VV E . 34.61 -20.19 9.94
O44 3VV E . 32.57 -18.73 9.98
O45 3VV E . 33.90 -19.03 12.20
C46 3VV E . 34.85 -19.83 12.88
C47 3VV E . 34.87 -19.41 14.30
O48 3VV E . 34.93 -18.10 14.37
C49 3VV E . 33.94 -17.69 15.54
C50 3VV E . 33.37 -19.02 16.06
O51 3VV E . 34.25 -19.58 17.11
C52 3VV E . 33.45 -19.82 15.00
O53 3VV E . 33.47 -21.22 15.43
O55 3VV E . 31.40 -21.80 16.89
O56 3VV E . 31.05 -21.47 14.44
O57 3VV E . 32.20 -23.51 15.29
N58 3VV E . 32.99 -16.91 15.10
C59 3VV E . 32.55 -16.78 13.84
N60 3VV E . 31.56 -15.90 13.77
C61 3VV E . 31.36 -15.44 15.02
C62 3VV E . 30.46 -14.51 15.59
N63 3VV E . 29.49 -13.81 14.75
N64 3VV E . 30.51 -14.28 16.88
C65 3VV E . 31.39 -14.92 17.64
N66 3VV E . 32.26 -15.81 17.15
C67 3VV E . 32.25 -16.09 15.86
FE FE F . -16.33 17.15 -1.40
FE FE G . -21.51 14.80 1.45
C10 3VV H . -19.98 13.31 -2.79
C13 3VV H . -22.11 13.59 -5.96
C15 3VV H . -23.45 12.49 -7.87
C17 3VV H . -23.40 11.82 -10.34
C21 3VV H . -25.93 10.11 -13.48
C22 3VV H . -26.01 10.44 -15.04
C24 3VV H . -27.78 12.19 -14.82
C26 3VV H . -28.32 13.65 -14.93
P38 3VV H . -33.74 20.68 -12.91
P42 3VV H . -31.22 21.75 -13.99
P54 3VV H . -27.59 25.75 -16.75
C01 3VV H . -16.47 4.99 -7.72
C02 3VV H . -16.34 6.46 -7.62
C03 3VV H . -16.84 7.01 -6.26
C04 3VV H . -17.15 8.53 -6.35
C05 3VV H . -17.05 9.23 -4.99
C06 3VV H . -17.19 10.77 -5.11
C07 3VV H . -17.35 11.46 -3.69
C08 3VV H . -17.73 12.98 -3.83
C09 3VV H . -18.65 13.47 -2.68
C11 3VV H . -20.55 12.64 -4.07
C12 3VV H . -20.75 13.70 -5.26
C14 3VV H . -22.05 12.92 -7.37
C16 3VV H . -23.73 12.95 -9.33
C18 3VV H . -24.67 11.14 -10.95
O19 3VV H . -25.26 10.31 -10.32
S20 3VV H . -25.26 11.64 -12.63
N23 3VV H . -26.41 11.85 -15.21
O25 3VV H . -28.50 11.33 -14.39
C27 3VV H . -29.73 13.81 -14.34
N28 3VV H . -30.01 15.17 -13.82
C29 3VV H . -31.24 15.79 -14.23
O30 3VV H . -31.96 15.22 -14.95
C31 3VV H . -31.61 17.19 -13.72
O32 3VV H . -30.47 17.94 -13.53
C33 3VV H . -32.37 17.03 -12.38
C34 3VV H . -33.64 16.19 -12.61
C35 3VV H . -31.49 16.34 -11.35
C36 3VV H . -32.79 18.44 -11.87
O37 3VV H . -33.59 19.04 -12.90
O39 3VV H . -34.65 21.11 -11.79
O40 3VV H . -34.31 21.13 -14.23
O41 3VV H . -32.23 21.36 -12.71
O43 3VV H . -32.00 21.65 -15.30
O44 3VV H . -30.02 20.81 -14.00
O45 3VV H . -30.68 23.34 -13.80
C46 3VV H . -31.43 24.38 -14.39
C47 3VV H . -30.74 25.65 -14.07
O48 3VV H . -30.74 25.85 -12.78
C49 3VV H . -29.27 26.30 -12.40
C50 3VV H . -28.47 26.31 -13.72
O51 3VV H . -28.39 27.69 -14.25
C52 3VV H . -29.17 25.53 -14.54
O53 3VV H . -29.04 25.99 -15.93
O55 3VV H . -26.93 24.45 -16.29
O56 3VV H . -27.88 25.67 -18.24
O57 3VV H . -26.68 26.92 -16.47
N58 3VV H . -28.75 25.48 -11.52
C59 3VV H . -29.10 24.20 -11.32
N60 3VV H . -28.37 23.67 -10.35
C61 3VV H . -27.55 24.63 -9.90
C62 3VV H . -26.55 24.68 -8.89
N63 3VV H . -26.26 23.50 -8.08
N64 3VV H . -25.89 25.79 -8.70
C65 3VV H . -26.16 26.86 -9.43
N66 3VV H . -27.08 26.87 -10.39
C67 3VV H . -27.78 25.77 -10.65
#